data_4ZUV
#
_entry.id   4ZUV
#
_cell.length_a   82.518
_cell.length_b   71.441
_cell.length_c   99.874
_cell.angle_alpha   90.00
_cell.angle_beta   102.94
_cell.angle_gamma   90.00
#
_symmetry.space_group_name_H-M   'P 1 21 1'
#
loop_
_entity.id
_entity.type
_entity.pdbx_description
1 polymer 'Classical MHC class I antigen'
2 polymer Beta-2-microglobulin
3 polymer ARG-VAL-GLU-ASP-VAL-THR-ASN-THR-ALA-GLU-TYR-TRP
4 water water
#
loop_
_entity_poly.entity_id
_entity_poly.type
_entity_poly.pdbx_seq_one_letter_code
_entity_poly.pdbx_strand_id
1 'polypeptide(L)'
;GSHSMRYFYTAVSRPGRGEPRFIAVGYVDDTQFVRFDSDAASPRMEPRAPWVEQEGPEYWERETRNMKEATQNFRVGLNT
LHGYYNQSEAGSHTLQRMYGCDVGPDGRLLRGYRQDAYDGADYIALNEDLRSWTAADAAAQITRRKREEAGEAEQCRNYL
EGTCVEWLLRYLENGNETLQRADAPKTHVTHHPISDHEVTLRCWALGFYPEEISLSWQRDGEDVTQDTEFVETRPAGDRT
FQKWAAVVVPSGEEQRYTCHVQHEGLAEPVTLRW
;
A,D
2 'polypeptide(L)'
;IQKTPQIQVYSRHPPENGKPNILNCYVTQFHPPHIEIQMLKNGKKIPKVEMSDMSFSKDWSFYILAHTEFTPTETDTYAC
RVKHDSMAEPKTVYWDRDM
;
B,E
3 'polypeptide(L)' RVEDVTNTAEYW C,F
#
# COMPACT_ATOMS: atom_id res chain seq x y z
N GLY A 1 14.17 24.81 -32.91
CA GLY A 1 15.04 25.92 -32.51
C GLY A 1 15.54 25.78 -31.08
N SER A 2 14.78 26.34 -30.14
CA SER A 2 15.10 26.23 -28.72
C SER A 2 14.45 24.98 -28.10
N HIS A 3 15.18 24.27 -27.24
CA HIS A 3 14.70 22.99 -26.70
C HIS A 3 15.04 22.78 -25.23
N SER A 4 14.45 21.75 -24.63
CA SER A 4 14.69 21.45 -23.22
C SER A 4 14.49 19.98 -22.86
N MET A 5 15.17 19.54 -21.81
CA MET A 5 14.92 18.24 -21.22
C MET A 5 14.60 18.39 -19.74
N ARG A 6 13.55 17.72 -19.29
CA ARG A 6 13.09 17.91 -17.93
C ARG A 6 12.75 16.58 -17.28
N TYR A 7 13.19 16.39 -16.04
CA TYR A 7 12.73 15.27 -15.24
C TYR A 7 11.92 15.77 -14.06
N PHE A 8 10.91 14.99 -13.70
CA PHE A 8 10.03 15.31 -12.59
C PHE A 8 9.93 14.14 -11.62
N TYR A 9 10.44 14.30 -10.41
CA TYR A 9 10.39 13.25 -9.39
C TYR A 9 9.37 13.61 -8.35
N THR A 10 8.60 12.63 -7.90
CA THR A 10 7.73 12.84 -6.76
C THR A 10 7.75 11.66 -5.82
N ALA A 11 8.02 11.89 -4.55
CA ALA A 11 7.92 10.85 -3.55
C ALA A 11 6.84 11.22 -2.55
N VAL A 12 5.99 10.27 -2.22
CA VAL A 12 4.85 10.53 -1.35
C VAL A 12 4.82 9.48 -0.24
N SER A 13 4.91 9.92 1.01
CA SER A 13 4.82 9.00 2.12
C SER A 13 3.40 8.57 2.40
N ARG A 14 3.25 7.43 3.05
CA ARG A 14 1.96 6.90 3.46
C ARG A 14 2.15 6.16 4.78
N PRO A 15 2.28 6.92 5.88
CA PRO A 15 2.58 6.32 7.18
C PRO A 15 1.56 5.26 7.55
N GLY A 16 2.04 4.07 7.89
CA GLY A 16 1.16 2.96 8.21
C GLY A 16 0.95 1.98 7.06
N ARG A 17 1.41 2.34 5.86
CA ARG A 17 1.21 1.48 4.69
C ARG A 17 2.49 1.24 3.91
N GLY A 18 3.61 1.18 4.62
CA GLY A 18 4.85 0.87 3.96
C GLY A 18 5.62 2.11 3.59
N GLU A 19 6.69 1.93 2.82
CA GLU A 19 7.59 3.03 2.53
C GLU A 19 6.98 3.98 1.49
N PRO A 20 7.52 5.21 1.43
CA PRO A 20 7.02 6.19 0.47
C PRO A 20 7.14 5.67 -0.97
N ARG A 21 6.20 6.09 -1.82
CA ARG A 21 6.22 5.74 -3.24
C ARG A 21 6.94 6.80 -4.06
N PHE A 22 7.78 6.37 -4.99
CA PHE A 22 8.57 7.31 -5.78
C PHE A 22 8.22 7.16 -7.25
N ILE A 23 7.97 8.29 -7.91
CA ILE A 23 7.56 8.28 -9.32
C ILE A 23 8.34 9.32 -10.12
N ALA A 24 8.70 8.97 -11.34
CA ALA A 24 9.45 9.88 -12.20
C ALA A 24 8.93 9.86 -13.63
N VAL A 25 8.98 11.01 -14.29
CA VAL A 25 8.72 11.08 -15.72
C VAL A 25 9.74 12.02 -16.35
N GLY A 26 10.10 11.74 -17.59
CA GLY A 26 11.05 12.56 -18.31
C GLY A 26 10.40 13.15 -19.56
N TYR A 27 10.81 14.36 -19.91
CA TYR A 27 10.29 15.06 -21.06
C TYR A 27 11.40 15.65 -21.93
N VAL A 28 11.20 15.61 -23.24
CA VAL A 28 11.93 16.46 -24.15
C VAL A 28 10.92 17.44 -24.75
N ASP A 29 11.07 18.71 -24.45
CA ASP A 29 10.05 19.67 -24.85
C ASP A 29 8.73 19.17 -24.27
N ASP A 30 7.69 19.08 -25.10
CA ASP A 30 6.37 18.67 -24.61
C ASP A 30 6.04 17.18 -24.75
N THR A 31 7.04 16.37 -25.04
CA THR A 31 6.84 14.93 -25.20
C THR A 31 7.42 14.18 -24.00
N GLN A 32 6.60 13.37 -23.34
CA GLN A 32 7.10 12.48 -22.30
C GLN A 32 7.80 11.32 -23.00
N PHE A 33 8.95 10.89 -22.49
CA PHE A 33 9.67 9.81 -23.15
C PHE A 33 10.12 8.69 -22.21
N VAL A 34 9.93 8.88 -20.91
CA VAL A 34 10.34 7.85 -19.97
C VAL A 34 9.53 7.96 -18.69
N ARG A 35 9.36 6.85 -17.98
CA ARG A 35 8.70 6.92 -16.68
C ARG A 35 9.19 5.83 -15.73
N PHE A 36 8.95 6.03 -14.45
CA PHE A 36 9.33 5.08 -13.42
C PHE A 36 8.35 5.12 -12.26
N ASP A 37 7.97 3.95 -11.74
CA ASP A 37 7.05 3.86 -10.61
C ASP A 37 7.58 2.81 -9.65
N SER A 38 7.92 3.22 -8.43
CA SER A 38 8.52 2.30 -7.47
C SER A 38 7.56 1.20 -7.04
N ASP A 39 6.26 1.44 -7.21
CA ASP A 39 5.25 0.49 -6.80
C ASP A 39 5.03 -0.62 -7.82
N ALA A 40 5.56 -0.43 -9.03
CA ALA A 40 5.35 -1.40 -10.10
C ALA A 40 5.79 -2.80 -9.70
N ALA A 41 5.08 -3.80 -10.19
CA ALA A 41 5.41 -5.19 -9.90
C ALA A 41 6.91 -5.41 -10.01
N SER A 42 7.47 -5.10 -11.18
CA SER A 42 8.92 -5.08 -11.32
C SER A 42 9.34 -3.68 -11.77
N PRO A 43 9.88 -2.89 -10.83
CA PRO A 43 10.22 -1.48 -11.05
C PRO A 43 11.31 -1.26 -12.08
N ARG A 44 10.92 -0.76 -13.25
CA ARG A 44 11.85 -0.43 -14.32
C ARG A 44 11.52 0.90 -14.97
N MET A 45 12.55 1.61 -15.41
CA MET A 45 12.37 2.77 -16.26
C MET A 45 11.79 2.28 -17.58
N GLU A 46 10.68 2.87 -18.02
CA GLU A 46 10.02 2.41 -19.24
C GLU A 46 9.94 3.52 -20.27
N PRO A 47 10.04 3.15 -21.56
CA PRO A 47 9.95 4.14 -22.63
C PRO A 47 8.52 4.60 -22.86
N ARG A 48 8.33 5.84 -23.28
CA ARG A 48 7.02 6.41 -23.50
C ARG A 48 6.98 7.16 -24.84
N ALA A 49 8.03 6.97 -25.62
CA ALA A 49 8.13 7.52 -26.96
C ALA A 49 9.00 6.59 -27.80
N PRO A 50 8.64 6.41 -29.08
CA PRO A 50 9.30 5.47 -29.98
C PRO A 50 10.80 5.68 -30.07
N TRP A 51 11.22 6.93 -29.99
CA TRP A 51 12.61 7.27 -30.30
C TRP A 51 13.61 7.00 -29.17
N VAL A 52 13.17 6.38 -28.09
CA VAL A 52 14.10 5.95 -27.04
C VAL A 52 14.11 4.44 -26.89
N GLU A 53 13.12 3.78 -27.48
CA GLU A 53 13.02 2.33 -27.35
C GLU A 53 14.27 1.68 -27.90
N GLN A 54 14.82 2.29 -28.95
CA GLN A 54 16.00 1.75 -29.60
C GLN A 54 17.25 1.78 -28.72
N GLU A 55 17.20 2.54 -27.62
CA GLU A 55 18.32 2.55 -26.69
C GLU A 55 18.56 1.14 -26.18
N GLY A 56 19.84 0.78 -26.09
CA GLY A 56 20.23 -0.58 -25.76
C GLY A 56 20.05 -0.94 -24.30
N PRO A 57 20.15 -2.24 -23.98
CA PRO A 57 19.93 -2.76 -22.63
C PRO A 57 20.74 -2.00 -21.59
N GLU A 58 21.97 -1.63 -21.92
CA GLU A 58 22.82 -0.93 -20.97
C GLU A 58 22.21 0.40 -20.52
N TYR A 59 21.54 1.07 -21.45
CA TYR A 59 20.87 2.33 -21.13
C TYR A 59 19.79 2.12 -20.07
N TRP A 60 18.95 1.12 -20.30
CA TRP A 60 17.82 0.87 -19.41
C TRP A 60 18.26 0.39 -18.03
N GLU A 61 19.28 -0.45 -17.99
CA GLU A 61 19.83 -0.95 -16.73
C GLU A 61 20.28 0.20 -15.87
N ARG A 62 21.00 1.13 -16.47
CA ARG A 62 21.52 2.31 -15.77
C ARG A 62 20.41 3.22 -15.25
N GLU A 63 19.45 3.54 -16.12
CA GLU A 63 18.33 4.38 -15.71
C GLU A 63 17.60 3.75 -14.54
N THR A 64 17.33 2.45 -14.64
CA THR A 64 16.67 1.72 -13.57
C THR A 64 17.46 1.74 -12.26
N ARG A 65 18.76 1.53 -12.34
CA ARG A 65 19.58 1.59 -11.13
C ARG A 65 19.55 2.97 -10.48
N ASN A 66 19.67 4.02 -11.27
CA ASN A 66 19.63 5.37 -10.74
C ASN A 66 18.26 5.69 -10.13
N MET A 67 17.21 5.22 -10.79
CA MET A 67 15.85 5.41 -10.31
C MET A 67 15.66 4.71 -8.98
N LYS A 68 16.24 3.53 -8.83
CA LYS A 68 16.16 2.83 -7.56
C LYS A 68 16.95 3.55 -6.48
N GLU A 69 18.12 4.07 -6.85
CA GLU A 69 18.91 4.85 -5.91
C GLU A 69 18.15 6.09 -5.51
N ALA A 70 17.60 6.77 -6.51
CA ALA A 70 16.83 8.00 -6.28
C ALA A 70 15.67 7.75 -5.32
N THR A 71 14.94 6.66 -5.51
CA THR A 71 13.80 6.44 -4.62
C THR A 71 14.24 6.25 -3.18
N GLN A 72 15.38 5.60 -2.96
CA GLN A 72 15.89 5.46 -1.60
C GLN A 72 16.36 6.80 -1.05
N ASN A 73 17.05 7.56 -1.89
CA ASN A 73 17.52 8.89 -1.53
C ASN A 73 16.37 9.80 -1.09
N PHE A 74 15.23 9.71 -1.78
CA PHE A 74 14.08 10.55 -1.45
C PHE A 74 13.35 10.06 -0.22
N ARG A 75 13.44 8.76 0.05
CA ARG A 75 12.85 8.21 1.26
C ARG A 75 13.59 8.72 2.49
N VAL A 76 14.92 8.80 2.38
CA VAL A 76 15.73 9.40 3.43
C VAL A 76 15.36 10.88 3.55
N GLY A 77 15.27 11.56 2.42
CA GLY A 77 14.84 12.95 2.39
C GLY A 77 13.58 13.18 3.20
N LEU A 78 12.51 12.46 2.87
CA LEU A 78 11.24 12.62 3.56
C LEU A 78 11.37 12.43 5.06
N ASN A 79 12.07 11.38 5.47
CA ASN A 79 12.23 11.09 6.89
C ASN A 79 13.04 12.19 7.59
N THR A 80 14.10 12.65 6.94
CA THR A 80 14.96 13.70 7.48
C THR A 80 14.21 15.04 7.66
N LEU A 81 13.49 15.48 6.64
CA LEU A 81 12.76 16.75 6.73
C LEU A 81 11.63 16.64 7.75
N HIS A 82 11.02 15.47 7.84
CA HIS A 82 10.02 15.21 8.86
C HIS A 82 10.57 15.63 10.21
N GLY A 83 11.80 15.20 10.51
CA GLY A 83 12.47 15.54 11.75
C GLY A 83 12.73 17.02 11.90
N TYR A 84 13.28 17.65 10.87
CA TYR A 84 13.56 19.09 10.91
C TYR A 84 12.36 19.91 11.38
N TYR A 85 11.17 19.56 10.88
CA TYR A 85 9.97 20.33 11.19
C TYR A 85 9.22 19.73 12.36
N ASN A 86 9.62 18.54 12.78
CA ASN A 86 8.92 17.88 13.86
C ASN A 86 7.42 17.75 13.59
N GLN A 87 7.10 17.20 12.43
CA GLN A 87 5.71 16.99 12.05
C GLN A 87 5.13 15.76 12.74
N SER A 88 3.82 15.56 12.62
CA SER A 88 3.15 14.43 13.27
C SER A 88 3.39 13.13 12.51
N GLU A 89 3.24 12.01 13.22
CA GLU A 89 3.51 10.71 12.63
C GLU A 89 2.44 10.24 11.66
N ALA A 90 1.24 10.81 11.77
CA ALA A 90 0.09 10.33 11.00
C ALA A 90 0.00 10.84 9.56
N GLY A 91 0.44 12.07 9.31
CA GLY A 91 0.21 12.69 8.02
C GLY A 91 1.17 12.32 6.90
N SER A 92 0.63 12.27 5.68
CA SER A 92 1.45 12.05 4.48
C SER A 92 2.14 13.34 4.02
N HIS A 93 3.28 13.18 3.35
CA HIS A 93 4.08 14.32 2.91
C HIS A 93 4.66 14.04 1.55
N THR A 94 5.03 15.10 0.84
CA THR A 94 5.54 14.97 -0.50
C THR A 94 6.89 15.65 -0.63
N LEU A 95 7.72 15.14 -1.51
CA LEU A 95 9.01 15.71 -1.78
C LEU A 95 9.16 15.66 -3.29
N GLN A 96 9.38 16.81 -3.91
CA GLN A 96 9.41 16.91 -5.36
C GLN A 96 10.73 17.46 -5.85
N ARG A 97 11.11 17.07 -7.05
CA ARG A 97 12.23 17.69 -7.73
C ARG A 97 11.93 17.80 -9.20
N MET A 98 12.32 18.91 -9.79
CA MET A 98 12.38 19.00 -11.24
C MET A 98 13.73 19.55 -11.62
N TYR A 99 14.39 18.92 -12.58
CA TYR A 99 15.66 19.41 -13.06
C TYR A 99 15.78 19.17 -14.55
N GLY A 100 16.76 19.82 -15.17
CA GLY A 100 17.00 19.68 -16.60
C GLY A 100 17.71 20.87 -17.19
N CYS A 101 17.71 20.95 -18.51
CA CYS A 101 18.46 22.00 -19.21
C CYS A 101 17.71 22.55 -20.42
N ASP A 102 17.98 23.82 -20.73
CA ASP A 102 17.52 24.45 -21.97
C ASP A 102 18.73 24.66 -22.87
N VAL A 103 18.58 24.39 -24.15
CA VAL A 103 19.64 24.69 -25.11
C VAL A 103 19.08 25.57 -26.22
N GLY A 104 19.92 26.48 -26.71
CA GLY A 104 19.54 27.35 -27.81
C GLY A 104 19.64 26.64 -29.14
N PRO A 105 19.37 27.36 -30.25
CA PRO A 105 19.43 26.81 -31.61
C PRO A 105 20.82 26.31 -31.99
N ASP A 106 21.85 26.84 -31.33
CA ASP A 106 23.23 26.43 -31.58
C ASP A 106 23.60 25.16 -30.80
N GLY A 107 22.72 24.73 -29.90
CA GLY A 107 22.93 23.49 -29.16
C GLY A 107 23.79 23.67 -27.93
N ARG A 108 24.00 24.92 -27.53
CA ARG A 108 24.76 25.19 -26.32
C ARG A 108 23.83 25.45 -25.13
N LEU A 109 24.34 25.19 -23.93
CA LEU A 109 23.55 25.33 -22.72
C LEU A 109 23.07 26.76 -22.50
N LEU A 110 21.75 26.94 -22.55
CA LEU A 110 21.11 28.22 -22.25
C LEU A 110 21.00 28.39 -20.74
N ARG A 111 20.58 27.32 -20.05
CA ARG A 111 20.54 27.32 -18.59
C ARG A 111 20.11 25.98 -17.98
N GLY A 112 20.45 25.79 -16.71
CA GLY A 112 20.14 24.55 -16.01
C GLY A 112 19.32 24.77 -14.76
N TYR A 113 18.55 23.75 -14.36
CA TYR A 113 17.63 23.83 -13.24
C TYR A 113 17.77 22.62 -12.33
N ARG A 114 17.54 22.81 -11.03
CA ARG A 114 17.44 21.71 -10.08
C ARG A 114 16.73 22.18 -8.81
N GLN A 115 15.40 22.18 -8.83
CA GLN A 115 14.64 22.69 -7.70
C GLN A 115 13.90 21.60 -6.95
N ASP A 116 13.96 21.67 -5.63
CA ASP A 116 13.24 20.74 -4.76
C ASP A 116 12.11 21.45 -4.02
N ALA A 117 11.02 20.73 -3.75
CA ALA A 117 9.91 21.25 -2.98
C ALA A 117 9.48 20.26 -1.92
N TYR A 118 9.02 20.76 -0.79
CA TYR A 118 8.55 19.92 0.29
C TYR A 118 7.10 20.28 0.63
N ASP A 119 6.21 19.30 0.57
CA ASP A 119 4.79 19.56 0.78
C ASP A 119 4.27 20.67 -0.12
N GLY A 120 4.73 20.68 -1.36
CA GLY A 120 4.17 21.54 -2.38
C GLY A 120 4.69 22.96 -2.45
N ALA A 121 5.74 23.26 -1.70
CA ALA A 121 6.33 24.60 -1.74
C ALA A 121 7.85 24.53 -1.76
N ASP A 122 8.48 25.52 -2.41
CA ASP A 122 9.93 25.59 -2.51
C ASP A 122 10.61 25.12 -1.22
N TYR A 123 11.69 24.38 -1.37
CA TYR A 123 12.50 23.97 -0.24
C TYR A 123 13.95 24.39 -0.51
N ILE A 124 14.56 23.82 -1.54
CA ILE A 124 15.91 24.21 -1.93
C ILE A 124 16.07 24.11 -3.44
N ALA A 125 16.82 25.06 -4.02
CA ALA A 125 17.07 25.05 -5.44
C ALA A 125 18.51 25.42 -5.76
N LEU A 126 19.02 24.91 -6.87
CA LEU A 126 20.32 25.28 -7.35
C LEU A 126 20.19 26.60 -8.10
N ASN A 127 21.05 27.57 -7.77
CA ASN A 127 20.99 28.88 -8.42
C ASN A 127 21.40 28.81 -9.88
N GLU A 128 21.14 29.90 -10.60
CA GLU A 128 21.36 29.95 -12.04
C GLU A 128 22.83 29.87 -12.42
N ASP A 129 23.71 30.24 -11.49
CA ASP A 129 25.15 30.12 -11.70
C ASP A 129 25.60 28.67 -11.51
N LEU A 130 24.71 27.87 -10.93
CA LEU A 130 24.97 26.45 -10.70
C LEU A 130 26.15 26.23 -9.74
N ARG A 131 26.29 27.13 -8.77
CA ARG A 131 27.39 27.07 -7.81
C ARG A 131 26.95 27.40 -6.40
N SER A 132 25.68 27.78 -6.26
CA SER A 132 25.13 28.12 -4.95
C SER A 132 23.67 27.70 -4.82
N TRP A 133 23.22 27.47 -3.60
CA TRP A 133 21.85 27.05 -3.35
C TRP A 133 21.02 28.12 -2.67
N THR A 134 19.75 28.21 -3.05
CA THR A 134 18.80 29.08 -2.37
C THR A 134 17.91 28.25 -1.46
N ALA A 135 17.99 28.51 -0.16
CA ALA A 135 17.18 27.80 0.83
C ALA A 135 15.98 28.64 1.24
N ALA A 136 14.78 28.05 1.15
CA ALA A 136 13.55 28.78 1.41
C ALA A 136 13.30 29.06 2.89
N ASP A 137 13.91 28.27 3.77
CA ASP A 137 13.71 28.46 5.20
C ASP A 137 14.83 27.85 6.04
N ALA A 138 14.61 27.78 7.35
CA ALA A 138 15.62 27.33 8.29
C ALA A 138 15.99 25.86 8.09
N ALA A 139 14.98 25.01 7.95
CA ALA A 139 15.22 23.60 7.73
C ALA A 139 16.10 23.41 6.49
N ALA A 140 15.78 24.16 5.44
CA ALA A 140 16.49 24.05 4.18
C ALA A 140 17.95 24.47 4.29
N GLN A 141 18.23 25.41 5.19
CA GLN A 141 19.60 25.88 5.41
C GLN A 141 20.49 24.74 5.91
N ILE A 142 19.92 23.90 6.77
CA ILE A 142 20.61 22.70 7.20
C ILE A 142 20.96 21.83 6.00
N THR A 143 19.96 21.53 5.18
CA THR A 143 20.18 20.75 3.96
C THR A 143 21.24 21.42 3.11
N ARG A 144 21.12 22.74 2.97
CA ARG A 144 22.08 23.51 2.19
C ARG A 144 23.50 23.35 2.74
N ARG A 145 23.63 23.37 4.06
CA ARG A 145 24.93 23.26 4.71
C ARG A 145 25.58 21.94 4.37
N LYS A 146 24.80 20.86 4.38
CA LYS A 146 25.29 19.54 4.07
C LYS A 146 25.72 19.42 2.61
N ARG A 147 24.89 19.93 1.71
CA ARG A 147 25.21 19.87 0.29
C ARG A 147 26.46 20.68 -0.02
N GLU A 148 26.68 21.74 0.74
CA GLU A 148 27.86 22.58 0.55
C GLU A 148 29.11 21.87 1.04
N GLU A 149 29.03 21.30 2.24
CA GLU A 149 30.16 20.59 2.79
C GLU A 149 30.56 19.36 1.97
N ALA A 150 29.61 18.81 1.22
CA ALA A 150 29.89 17.68 0.35
C ALA A 150 30.22 18.15 -1.06
N GLY A 151 30.10 19.45 -1.30
CA GLY A 151 30.38 20.02 -2.60
C GLY A 151 29.56 19.39 -3.73
N GLU A 152 28.29 19.12 -3.47
CA GLU A 152 27.44 18.49 -4.47
C GLU A 152 27.13 19.38 -5.69
N ALA A 153 27.11 20.68 -5.50
CA ALA A 153 26.80 21.59 -6.59
C ALA A 153 27.66 21.31 -7.82
N GLU A 154 28.93 21.00 -7.59
CA GLU A 154 29.86 20.72 -8.68
C GLU A 154 29.42 19.49 -9.48
N GLN A 155 28.99 18.45 -8.77
CA GLN A 155 28.49 17.25 -9.40
C GLN A 155 27.24 17.57 -10.24
N CYS A 156 26.36 18.41 -9.69
CA CYS A 156 25.14 18.80 -10.39
C CYS A 156 25.43 19.62 -11.63
N ARG A 157 26.36 20.57 -11.49
CA ARG A 157 26.75 21.44 -12.59
C ARG A 157 27.38 20.63 -13.73
N ASN A 158 28.13 19.60 -13.37
CA ASN A 158 28.74 18.75 -14.38
C ASN A 158 27.71 17.96 -15.18
N TYR A 159 26.71 17.43 -14.48
CA TYR A 159 25.65 16.70 -15.18
C TYR A 159 24.89 17.63 -16.11
N LEU A 160 24.56 18.82 -15.61
CA LEU A 160 23.71 19.73 -16.36
C LEU A 160 24.45 20.33 -17.55
N GLU A 161 25.71 20.71 -17.33
CA GLU A 161 26.53 21.26 -18.40
C GLU A 161 26.99 20.19 -19.38
N GLY A 162 27.11 18.95 -18.91
CA GLY A 162 27.62 17.88 -19.74
C GLY A 162 26.55 16.91 -20.17
N THR A 163 26.36 15.87 -19.35
CA THR A 163 25.40 14.83 -19.64
C THR A 163 24.07 15.37 -20.16
N CYS A 164 23.44 16.27 -19.40
CA CYS A 164 22.09 16.72 -19.73
C CYS A 164 22.04 17.26 -21.15
N VAL A 165 22.92 18.21 -21.45
CA VAL A 165 22.97 18.77 -22.80
C VAL A 165 23.28 17.70 -23.85
N GLU A 166 24.29 16.90 -23.60
CA GLU A 166 24.72 15.92 -24.58
C GLU A 166 23.59 14.96 -24.95
N TRP A 167 22.85 14.48 -23.95
CA TRP A 167 21.78 13.53 -24.22
C TRP A 167 20.53 14.16 -24.82
N LEU A 168 20.25 15.40 -24.46
CA LEU A 168 19.14 16.12 -25.06
C LEU A 168 19.38 16.18 -26.56
N LEU A 169 20.55 16.65 -26.97
CA LEU A 169 20.88 16.73 -28.39
C LEU A 169 20.74 15.37 -29.07
N ARG A 170 21.14 14.32 -28.38
CA ARG A 170 21.01 12.97 -28.93
C ARG A 170 19.54 12.55 -29.15
N TYR A 171 18.70 12.77 -28.14
CA TYR A 171 17.28 12.45 -28.28
C TYR A 171 16.65 13.28 -29.40
N LEU A 172 17.04 14.55 -29.47
CA LEU A 172 16.57 15.47 -30.49
C LEU A 172 16.91 14.97 -31.90
N GLU A 173 18.09 14.39 -32.06
CA GLU A 173 18.49 13.83 -33.34
C GLU A 173 17.69 12.56 -33.66
N ASN A 174 17.71 11.61 -32.74
CA ASN A 174 16.99 10.36 -32.90
C ASN A 174 15.49 10.57 -33.11
N GLY A 175 14.91 11.57 -32.45
CA GLY A 175 13.50 11.85 -32.60
C GLY A 175 13.17 13.04 -33.49
N ASN A 176 14.10 13.42 -34.36
CA ASN A 176 13.90 14.64 -35.15
C ASN A 176 12.58 14.70 -35.94
N GLU A 177 12.15 13.56 -36.47
CA GLU A 177 10.95 13.53 -37.33
C GLU A 177 9.64 13.85 -36.60
N THR A 178 9.63 13.72 -35.28
CA THR A 178 8.45 14.09 -34.51
C THR A 178 8.75 15.31 -33.65
N LEU A 179 9.91 15.28 -32.99
CA LEU A 179 10.30 16.32 -32.05
C LEU A 179 10.63 17.66 -32.72
N GLN A 180 11.21 17.62 -33.91
CA GLN A 180 11.62 18.86 -34.59
C GLN A 180 10.67 19.18 -35.75
N ARG A 181 9.42 18.76 -35.60
CA ARG A 181 8.41 18.97 -36.64
C ARG A 181 7.13 19.45 -35.99
N ALA A 182 6.95 20.76 -35.88
CA ALA A 182 5.73 21.31 -35.31
C ALA A 182 4.51 20.81 -36.08
N ASP A 183 3.43 20.51 -35.37
CA ASP A 183 2.18 20.10 -35.99
C ASP A 183 1.18 21.25 -35.93
N ALA A 184 0.85 21.81 -37.09
CA ALA A 184 -0.08 22.91 -37.15
C ALA A 184 -1.45 22.53 -36.60
N PRO A 185 -2.08 23.47 -35.86
CA PRO A 185 -3.46 23.31 -35.39
C PRO A 185 -4.46 23.19 -36.54
N LYS A 186 -5.39 22.26 -36.42
CA LYS A 186 -6.56 22.29 -37.28
C LYS A 186 -7.61 23.13 -36.58
N THR A 187 -8.03 24.21 -37.23
CA THR A 187 -8.90 25.18 -36.60
C THR A 187 -10.30 25.20 -37.21
N HIS A 188 -11.29 25.55 -36.39
CA HIS A 188 -12.65 25.75 -36.89
C HIS A 188 -13.49 26.52 -35.90
N VAL A 189 -14.67 26.94 -36.36
CA VAL A 189 -15.54 27.77 -35.56
C VAL A 189 -16.90 27.10 -35.45
N THR A 190 -17.40 26.98 -34.21
CA THR A 190 -18.74 26.47 -33.98
C THR A 190 -19.68 27.59 -33.56
N HIS A 191 -20.98 27.31 -33.66
CA HIS A 191 -22.00 28.33 -33.53
C HIS A 191 -23.06 27.84 -32.56
N HIS A 192 -23.25 28.54 -31.44
CA HIS A 192 -24.16 28.08 -30.40
C HIS A 192 -25.14 29.16 -29.93
N PRO A 193 -26.39 29.08 -30.41
CA PRO A 193 -27.44 30.02 -30.01
C PRO A 193 -27.73 29.94 -28.51
N ILE A 194 -27.68 31.08 -27.83
CA ILE A 194 -28.02 31.14 -26.42
C ILE A 194 -29.50 31.50 -26.26
N SER A 195 -29.86 32.65 -26.80
CA SER A 195 -31.25 33.10 -26.86
C SER A 195 -31.57 33.47 -28.30
N ASP A 196 -32.67 34.18 -28.50
CA ASP A 196 -32.97 34.72 -29.83
C ASP A 196 -32.11 35.96 -30.11
N HIS A 197 -31.37 36.40 -29.10
CA HIS A 197 -30.64 37.66 -29.18
C HIS A 197 -29.14 37.48 -29.02
N GLU A 198 -28.74 36.36 -28.43
CA GLU A 198 -27.34 36.09 -28.15
C GLU A 198 -26.91 34.74 -28.71
N VAL A 199 -25.70 34.69 -29.25
CA VAL A 199 -25.11 33.43 -29.69
C VAL A 199 -23.64 33.34 -29.27
N THR A 200 -23.18 32.12 -29.03
CA THR A 200 -21.78 31.88 -28.70
C THR A 200 -20.99 31.43 -29.93
N LEU A 201 -19.94 32.19 -30.25
CA LEU A 201 -18.99 31.75 -31.27
C LEU A 201 -17.79 31.12 -30.55
N ARG A 202 -17.44 29.89 -30.93
CA ARG A 202 -16.31 29.23 -30.28
C ARG A 202 -15.24 28.83 -31.29
N CYS A 203 -14.02 29.29 -31.05
CA CYS A 203 -12.91 29.02 -31.93
C CYS A 203 -12.07 27.87 -31.38
N TRP A 204 -11.94 26.81 -32.18
CA TRP A 204 -11.19 25.61 -31.77
C TRP A 204 -9.85 25.48 -32.50
N ALA A 205 -8.83 25.03 -31.77
CA ALA A 205 -7.57 24.62 -32.39
C ALA A 205 -7.29 23.21 -31.92
N LEU A 206 -7.12 22.28 -32.86
CA LEU A 206 -7.02 20.86 -32.52
C LEU A 206 -5.76 20.22 -33.07
N GLY A 207 -5.28 19.20 -32.39
CA GLY A 207 -4.16 18.41 -32.86
C GLY A 207 -2.86 19.15 -33.09
N PHE A 208 -2.55 20.14 -32.25
CA PHE A 208 -1.30 20.87 -32.42
C PHE A 208 -0.19 20.44 -31.46
N TYR A 209 1.04 20.70 -31.88
CA TYR A 209 2.23 20.43 -31.09
C TYR A 209 3.31 21.33 -31.66
N PRO A 210 4.10 22.01 -30.80
CA PRO A 210 4.10 21.95 -29.34
C PRO A 210 2.90 22.65 -28.73
N GLU A 211 2.90 22.71 -27.41
CA GLU A 211 1.75 23.15 -26.62
C GLU A 211 1.50 24.66 -26.70
N GLU A 212 2.58 25.42 -26.79
CA GLU A 212 2.53 26.87 -26.97
C GLU A 212 1.67 27.31 -28.16
N ILE A 213 0.65 28.12 -27.91
CA ILE A 213 -0.23 28.60 -28.97
C ILE A 213 -0.92 29.91 -28.57
N SER A 214 -1.23 30.73 -29.57
CA SER A 214 -1.96 31.97 -29.34
C SER A 214 -3.35 31.93 -29.99
N LEU A 215 -4.36 32.41 -29.26
CA LEU A 215 -5.74 32.30 -29.70
C LEU A 215 -6.53 33.52 -29.24
N SER A 216 -7.24 34.18 -30.14
CA SER A 216 -8.00 35.38 -29.74
C SER A 216 -9.08 35.85 -30.74
N TRP A 217 -10.11 36.48 -30.20
CA TRP A 217 -11.17 37.06 -31.00
C TRP A 217 -10.99 38.56 -31.24
N GLN A 218 -11.47 39.03 -32.39
CA GLN A 218 -11.53 40.45 -32.69
C GLN A 218 -12.92 40.80 -33.20
N ARG A 219 -13.35 42.04 -32.98
CA ARG A 219 -14.57 42.52 -33.60
C ARG A 219 -14.26 43.74 -34.46
N ASP A 220 -14.81 43.74 -35.68
CA ASP A 220 -14.57 44.81 -36.65
C ASP A 220 -13.08 45.04 -36.91
N GLY A 221 -12.25 44.11 -36.48
CA GLY A 221 -10.83 44.18 -36.79
C GLY A 221 -9.94 44.50 -35.60
N GLU A 222 -10.53 44.64 -34.41
CA GLU A 222 -9.71 44.82 -33.23
C GLU A 222 -10.17 44.06 -32.00
N ASP A 223 -9.24 43.96 -31.05
CA ASP A 223 -9.36 43.05 -29.92
C ASP A 223 -10.65 43.12 -29.14
N VAL A 224 -10.92 42.05 -28.42
CA VAL A 224 -11.99 42.01 -27.44
C VAL A 224 -11.67 40.86 -26.48
N THR A 225 -10.40 40.78 -26.10
CA THR A 225 -9.91 39.74 -25.19
C THR A 225 -10.64 39.76 -23.85
N GLN A 226 -11.00 40.95 -23.39
CA GLN A 226 -11.97 41.05 -22.31
C GLN A 226 -13.28 40.58 -22.90
N ASP A 227 -14.02 39.76 -22.17
CA ASP A 227 -15.25 39.13 -22.68
C ASP A 227 -14.93 37.86 -23.45
N THR A 228 -13.64 37.52 -23.51
CA THR A 228 -13.21 36.25 -24.12
C THR A 228 -13.12 35.17 -23.05
N GLU A 229 -13.82 34.05 -23.27
CA GLU A 229 -13.69 32.90 -22.39
C GLU A 229 -12.70 31.90 -23.00
N PHE A 230 -11.71 31.50 -22.21
CA PHE A 230 -10.75 30.49 -22.64
C PHE A 230 -10.88 29.20 -21.81
N VAL A 231 -10.21 28.16 -22.27
CA VAL A 231 -9.90 27.01 -21.42
C VAL A 231 -8.40 26.83 -21.49
N GLU A 232 -7.84 26.18 -20.47
CA GLU A 232 -6.43 25.86 -20.45
C GLU A 232 -6.11 24.89 -21.56
N THR A 233 -4.95 25.06 -22.19
CA THR A 233 -4.47 24.09 -23.18
C THR A 233 -4.44 22.71 -22.55
N ARG A 234 -4.99 21.74 -23.25
CA ARG A 234 -5.18 20.42 -22.68
C ARG A 234 -4.71 19.38 -23.68
N PRO A 235 -4.23 18.22 -23.19
CA PRO A 235 -3.71 17.15 -24.06
C PRO A 235 -4.83 16.28 -24.63
N ALA A 236 -4.75 15.99 -25.93
CA ALA A 236 -5.72 15.11 -26.60
C ALA A 236 -5.50 13.65 -26.25
N GLY A 237 -4.33 13.34 -25.69
CA GLY A 237 -4.01 11.98 -25.27
C GLY A 237 -3.11 11.29 -26.28
N ASP A 238 -2.94 11.90 -27.44
CA ASP A 238 -2.12 11.31 -28.50
C ASP A 238 -0.86 12.13 -28.77
N ARG A 239 -0.39 12.84 -27.74
CA ARG A 239 0.80 13.69 -27.82
C ARG A 239 0.52 15.08 -28.39
N THR A 240 -0.68 15.29 -28.92
CA THR A 240 -1.08 16.61 -29.39
C THR A 240 -1.97 17.33 -28.37
N PHE A 241 -2.21 18.62 -28.61
CA PHE A 241 -2.91 19.48 -27.66
C PHE A 241 -4.18 20.13 -28.24
N GLN A 242 -5.04 20.63 -27.36
CA GLN A 242 -6.29 21.28 -27.75
C GLN A 242 -6.45 22.61 -27.03
N LYS A 243 -7.18 23.52 -27.64
CA LYS A 243 -7.57 24.76 -26.97
C LYS A 243 -8.75 25.40 -27.68
N TRP A 244 -9.61 26.06 -26.92
CA TRP A 244 -10.64 26.88 -27.54
C TRP A 244 -10.88 28.19 -26.80
N ALA A 245 -11.35 29.18 -27.55
CA ALA A 245 -11.73 30.48 -27.01
C ALA A 245 -13.13 30.80 -27.54
N ALA A 246 -13.93 31.49 -26.73
CA ALA A 246 -15.31 31.77 -27.12
C ALA A 246 -15.74 33.18 -26.74
N VAL A 247 -16.69 33.73 -27.50
CA VAL A 247 -17.29 35.02 -27.21
C VAL A 247 -18.78 34.98 -27.48
N VAL A 248 -19.55 35.65 -26.62
CA VAL A 248 -20.99 35.76 -26.83
C VAL A 248 -21.29 37.06 -27.58
N VAL A 249 -21.96 36.95 -28.71
CA VAL A 249 -22.18 38.10 -29.58
C VAL A 249 -23.66 38.25 -29.92
N PRO A 250 -24.05 39.46 -30.35
CA PRO A 250 -25.43 39.75 -30.75
C PRO A 250 -25.82 38.94 -31.98
N SER A 251 -27.07 38.48 -32.02
CA SER A 251 -27.57 37.79 -33.21
C SER A 251 -27.52 38.75 -34.41
N GLY A 252 -27.22 38.20 -35.58
CA GLY A 252 -27.12 39.02 -36.78
C GLY A 252 -25.85 39.84 -36.85
N GLU A 253 -24.95 39.65 -35.88
CA GLU A 253 -23.68 40.36 -35.89
C GLU A 253 -22.47 39.42 -35.94
N GLU A 254 -22.74 38.13 -36.14
CA GLU A 254 -21.68 37.13 -36.18
C GLU A 254 -20.58 37.49 -37.18
N GLN A 255 -20.95 38.19 -38.24
CA GLN A 255 -20.02 38.46 -39.33
C GLN A 255 -18.98 39.53 -38.99
N ARG A 256 -19.12 40.16 -37.83
CA ARG A 256 -18.17 41.19 -37.42
C ARG A 256 -16.90 40.57 -36.83
N TYR A 257 -17.03 39.33 -36.35
CA TYR A 257 -15.96 38.71 -35.56
C TYR A 257 -15.01 37.81 -36.33
N THR A 258 -13.74 37.87 -35.96
CA THR A 258 -12.73 36.98 -36.53
C THR A 258 -11.93 36.31 -35.42
N CYS A 259 -11.50 35.09 -35.68
CA CYS A 259 -10.66 34.37 -34.75
C CYS A 259 -9.25 34.29 -35.33
N HIS A 260 -8.26 34.46 -34.47
CA HIS A 260 -6.88 34.53 -34.92
C HIS A 260 -6.00 33.54 -34.18
N VAL A 261 -5.20 32.82 -34.94
CA VAL A 261 -4.39 31.74 -34.39
C VAL A 261 -2.96 31.86 -34.85
N GLN A 262 -2.04 31.75 -33.90
CA GLN A 262 -0.61 31.76 -34.19
C GLN A 262 -0.02 30.50 -33.58
N HIS A 263 0.82 29.81 -34.34
CA HIS A 263 1.44 28.59 -33.85
C HIS A 263 2.66 28.28 -34.68
N GLU A 264 3.70 27.80 -34.02
CA GLU A 264 4.97 27.51 -34.69
C GLU A 264 4.77 26.72 -35.97
N GLY A 265 3.75 25.86 -36.00
CA GLY A 265 3.51 25.01 -37.14
C GLY A 265 2.80 25.68 -38.33
N LEU A 266 2.44 26.93 -38.17
CA LEU A 266 1.83 27.72 -39.23
C LEU A 266 2.82 28.75 -39.74
N ALA A 267 2.93 28.94 -41.02
CA ALA A 267 3.93 29.88 -41.52
C ALA A 267 3.58 31.30 -41.16
N GLU A 268 2.31 31.51 -40.99
CA GLU A 268 1.64 32.80 -41.02
C GLU A 268 0.32 32.70 -40.27
N PRO A 269 0.00 33.74 -39.48
CA PRO A 269 -1.23 33.79 -38.70
C PRO A 269 -2.45 33.34 -39.50
N VAL A 270 -3.42 32.76 -38.80
CA VAL A 270 -4.63 32.29 -39.43
C VAL A 270 -5.80 33.14 -38.96
N THR A 271 -6.77 33.33 -39.83
CA THR A 271 -7.99 34.02 -39.45
C THR A 271 -9.21 33.21 -39.87
N LEU A 272 -10.19 33.10 -38.98
CA LEU A 272 -11.42 32.39 -39.29
C LEU A 272 -12.61 33.28 -39.00
N ARG A 273 -13.68 33.09 -39.77
CA ARG A 273 -14.97 33.73 -39.47
C ARG A 273 -16.07 32.67 -39.50
N TRP A 274 -17.20 32.97 -38.87
CA TRP A 274 -18.31 32.02 -38.85
C TRP A 274 -18.92 31.80 -40.23
N ILE B 1 -0.75 23.14 2.42
CA ILE B 1 -1.79 23.88 1.73
C ILE B 1 -2.46 23.08 0.63
N GLN B 2 -3.76 22.85 0.76
CA GLN B 2 -4.51 22.07 -0.22
C GLN B 2 -5.00 22.93 -1.37
N LYS B 3 -4.89 22.38 -2.59
CA LYS B 3 -5.36 23.07 -3.78
C LYS B 3 -6.45 22.28 -4.49
N THR B 4 -7.54 22.97 -4.82
CA THR B 4 -8.71 22.34 -5.42
C THR B 4 -8.43 22.02 -6.87
N PRO B 5 -8.69 20.77 -7.27
CA PRO B 5 -8.52 20.26 -8.64
C PRO B 5 -9.41 20.99 -9.65
N GLN B 6 -8.84 21.37 -10.79
CA GLN B 6 -9.63 21.88 -11.88
C GLN B 6 -9.89 20.73 -12.86
N ILE B 7 -11.06 20.70 -13.47
CA ILE B 7 -11.49 19.56 -14.28
C ILE B 7 -11.96 19.97 -15.66
N GLN B 8 -11.45 19.28 -16.69
CA GLN B 8 -12.00 19.40 -18.03
C GLN B 8 -12.37 18.03 -18.52
N VAL B 9 -13.54 17.93 -19.12
CA VAL B 9 -13.98 16.70 -19.77
C VAL B 9 -14.26 17.00 -21.23
N TYR B 10 -13.66 16.22 -22.12
CA TYR B 10 -13.73 16.46 -23.55
C TYR B 10 -13.26 15.20 -24.28
N SER B 11 -13.60 15.10 -25.56
CA SER B 11 -13.21 13.95 -26.38
C SER B 11 -11.89 14.23 -27.11
N ARG B 12 -11.22 13.17 -27.54
CA ARG B 12 -9.97 13.31 -28.27
C ARG B 12 -10.21 13.91 -29.66
N HIS B 13 -11.21 13.36 -30.34
CA HIS B 13 -11.58 13.80 -31.69
C HIS B 13 -12.94 14.47 -31.66
N PRO B 14 -13.21 15.36 -32.63
CA PRO B 14 -14.55 15.97 -32.70
C PRO B 14 -15.62 14.88 -32.83
N PRO B 15 -16.58 14.87 -31.90
CA PRO B 15 -17.56 13.80 -31.67
C PRO B 15 -18.53 13.57 -32.84
N GLU B 16 -18.64 12.31 -33.25
CA GLU B 16 -19.63 11.90 -34.25
C GLU B 16 -20.47 10.76 -33.69
N ASN B 17 -21.78 10.97 -33.60
CA ASN B 17 -22.65 9.93 -33.08
C ASN B 17 -22.44 8.59 -33.78
N GLY B 18 -22.13 7.56 -32.98
CA GLY B 18 -21.93 6.23 -33.50
C GLY B 18 -20.50 5.91 -33.89
N LYS B 19 -19.64 6.92 -33.87
CA LYS B 19 -18.24 6.72 -34.20
C LYS B 19 -17.38 6.58 -32.95
N PRO B 20 -16.69 5.45 -32.79
CA PRO B 20 -15.84 5.22 -31.62
C PRO B 20 -14.84 6.36 -31.42
N ASN B 21 -14.68 6.79 -30.18
CA ASN B 21 -13.85 7.93 -29.85
C ASN B 21 -13.10 7.67 -28.54
N ILE B 22 -12.50 8.72 -27.99
CA ILE B 22 -11.81 8.62 -26.70
C ILE B 22 -12.27 9.78 -25.83
N LEU B 23 -12.70 9.47 -24.62
CA LEU B 23 -13.12 10.50 -23.67
C LEU B 23 -12.02 10.79 -22.64
N ASN B 24 -11.72 12.08 -22.45
CA ASN B 24 -10.70 12.51 -21.51
C ASN B 24 -11.24 13.23 -20.28
N CYS B 25 -10.67 12.89 -19.12
CA CYS B 25 -10.86 13.69 -17.91
C CYS B 25 -9.49 14.22 -17.44
N TYR B 26 -9.26 15.50 -17.70
CA TYR B 26 -8.00 16.17 -17.42
C TYR B 26 -8.12 16.95 -16.12
N VAL B 27 -7.35 16.55 -15.12
CA VAL B 27 -7.47 17.10 -13.78
C VAL B 27 -6.17 17.74 -13.31
N THR B 28 -6.23 19.04 -13.03
CA THR B 28 -5.03 19.86 -12.85
C THR B 28 -5.02 20.68 -11.56
N GLN B 29 -3.86 21.25 -11.27
CA GLN B 29 -3.73 22.28 -10.24
C GLN B 29 -4.06 21.78 -8.84
N PHE B 30 -3.74 20.54 -8.51
CA PHE B 30 -4.14 20.04 -7.20
C PHE B 30 -3.01 19.63 -6.25
N HIS B 31 -3.31 19.66 -4.96
CA HIS B 31 -2.41 19.18 -3.92
C HIS B 31 -3.27 18.87 -2.71
N PRO B 32 -3.02 17.72 -2.06
CA PRO B 32 -1.96 16.75 -2.29
C PRO B 32 -2.21 15.87 -3.51
N PRO B 33 -1.21 15.06 -3.89
CA PRO B 33 -1.26 14.23 -5.09
C PRO B 33 -2.34 13.14 -5.05
N HIS B 34 -2.69 12.65 -3.88
CA HIS B 34 -3.71 11.62 -3.82
C HIS B 34 -5.04 12.18 -4.33
N ILE B 35 -5.73 11.37 -5.13
CA ILE B 35 -6.97 11.82 -5.75
C ILE B 35 -7.68 10.60 -6.30
N GLU B 36 -9.00 10.64 -6.32
CA GLU B 36 -9.76 9.54 -6.88
C GLU B 36 -10.63 10.01 -8.03
N ILE B 37 -10.38 9.44 -9.22
CA ILE B 37 -11.09 9.86 -10.41
C ILE B 37 -11.88 8.70 -11.02
N GLN B 38 -13.17 8.91 -11.25
CA GLN B 38 -13.95 7.91 -11.96
C GLN B 38 -14.75 8.51 -13.11
N MET B 39 -14.83 7.76 -14.20
CA MET B 39 -15.60 8.22 -15.35
C MET B 39 -16.92 7.47 -15.43
N LEU B 40 -17.99 8.20 -15.74
CA LEU B 40 -19.34 7.67 -15.65
C LEU B 40 -20.08 7.70 -17.00
N LYS B 41 -20.86 6.66 -17.26
CA LYS B 41 -21.77 6.62 -18.40
C LYS B 41 -23.19 6.40 -17.89
N ASN B 42 -24.07 7.36 -18.14
CA ASN B 42 -25.44 7.29 -17.64
C ASN B 42 -25.45 7.10 -16.13
N GLY B 43 -24.46 7.68 -15.45
CA GLY B 43 -24.36 7.61 -14.00
C GLY B 43 -23.66 6.36 -13.52
N LYS B 44 -23.41 5.42 -14.43
CA LYS B 44 -22.77 4.17 -14.07
C LYS B 44 -21.25 4.20 -14.26
N LYS B 45 -20.54 3.57 -13.35
CA LYS B 45 -19.07 3.53 -13.35
C LYS B 45 -18.52 2.76 -14.56
N ILE B 46 -17.64 3.40 -15.32
CA ILE B 46 -17.00 2.75 -16.46
C ILE B 46 -15.79 1.95 -16.01
N PRO B 47 -15.83 0.62 -16.19
CA PRO B 47 -14.81 -0.30 -15.70
C PRO B 47 -13.37 0.00 -16.16
N LYS B 48 -13.10 -0.04 -17.46
CA LYS B 48 -11.71 0.12 -17.91
C LYS B 48 -11.35 1.57 -18.24
N VAL B 49 -10.81 2.26 -17.23
CA VAL B 49 -10.41 3.65 -17.38
C VAL B 49 -8.91 3.80 -17.11
N GLU B 50 -8.18 4.25 -18.12
CA GLU B 50 -6.73 4.38 -17.99
C GLU B 50 -6.28 5.75 -17.48
N MET B 51 -5.19 5.76 -16.74
CA MET B 51 -4.66 6.97 -16.14
C MET B 51 -3.22 7.20 -16.56
N SER B 52 -2.90 8.44 -16.93
CA SER B 52 -1.53 8.80 -17.27
C SER B 52 -0.64 8.65 -16.05
N ASP B 53 0.65 8.90 -16.21
CA ASP B 53 1.53 8.99 -15.05
C ASP B 53 1.32 10.37 -14.47
N MET B 54 1.26 10.47 -13.15
CA MET B 54 1.06 11.78 -12.54
C MET B 54 2.32 12.64 -12.57
N SER B 55 2.19 13.86 -13.08
CA SER B 55 3.29 14.80 -13.08
C SER B 55 2.87 16.09 -12.37
N PHE B 56 3.67 17.14 -12.50
CA PHE B 56 3.35 18.41 -11.87
C PHE B 56 3.81 19.62 -12.68
N SER B 57 3.31 20.78 -12.28
CA SER B 57 3.54 22.02 -13.01
C SER B 57 4.66 22.83 -12.37
N LYS B 58 4.95 23.98 -12.98
CA LYS B 58 5.96 24.90 -12.47
C LYS B 58 5.69 25.29 -11.02
N ASP B 59 4.42 25.42 -10.67
CA ASP B 59 4.06 25.83 -9.31
C ASP B 59 3.95 24.64 -8.34
N TRP B 60 4.44 23.49 -8.79
CA TRP B 60 4.47 22.25 -8.01
C TRP B 60 3.15 21.46 -7.97
N SER B 61 2.04 22.11 -8.33
CA SER B 61 0.73 21.43 -8.23
C SER B 61 0.63 20.27 -9.23
N PHE B 62 -0.11 19.24 -8.87
CA PHE B 62 -0.19 18.04 -9.70
C PHE B 62 -1.29 18.09 -10.78
N TYR B 63 -1.10 17.27 -11.81
CA TYR B 63 -2.12 17.11 -12.85
C TYR B 63 -2.07 15.68 -13.35
N ILE B 64 -3.17 15.22 -13.94
CA ILE B 64 -3.25 13.86 -14.43
C ILE B 64 -4.37 13.73 -15.46
N LEU B 65 -4.18 12.82 -16.41
CA LEU B 65 -5.15 12.62 -17.48
C LEU B 65 -5.74 11.22 -17.44
N ALA B 66 -7.03 11.13 -17.17
CA ALA B 66 -7.73 9.86 -17.25
C ALA B 66 -8.48 9.81 -18.58
N HIS B 67 -8.55 8.62 -19.18
CA HIS B 67 -9.29 8.47 -20.42
C HIS B 67 -9.89 7.07 -20.58
N THR B 68 -10.86 6.97 -21.49
CA THR B 68 -11.54 5.71 -21.76
C THR B 68 -12.12 5.75 -23.18
N GLU B 69 -12.23 4.58 -23.81
CA GLU B 69 -12.93 4.51 -25.08
C GLU B 69 -14.40 4.80 -24.86
N PHE B 70 -15.00 5.54 -25.76
CA PHE B 70 -16.45 5.72 -25.73
C PHE B 70 -17.00 5.95 -27.13
N THR B 71 -18.31 5.79 -27.26
CA THR B 71 -19.00 6.07 -28.51
C THR B 71 -20.16 7.00 -28.19
N PRO B 72 -20.03 8.27 -28.59
CA PRO B 72 -21.06 9.27 -28.31
C PRO B 72 -22.37 8.94 -29.03
N THR B 73 -23.48 9.15 -28.36
CA THR B 73 -24.80 9.00 -28.97
C THR B 73 -25.62 10.22 -28.61
N GLU B 74 -26.82 10.32 -29.20
CA GLU B 74 -27.68 11.47 -28.94
C GLU B 74 -28.21 11.46 -27.50
N THR B 75 -28.32 10.28 -26.92
CA THR B 75 -29.00 10.15 -25.62
C THR B 75 -28.07 9.89 -24.42
N ASP B 76 -27.04 9.06 -24.61
CA ASP B 76 -26.12 8.70 -23.53
C ASP B 76 -25.42 9.91 -22.90
N THR B 77 -25.36 9.94 -21.56
CA THR B 77 -24.59 10.97 -20.87
C THR B 77 -23.27 10.42 -20.35
N TYR B 78 -22.26 11.29 -20.31
CA TYR B 78 -20.96 10.91 -19.79
C TYR B 78 -20.50 11.97 -18.83
N ALA B 79 -19.70 11.57 -17.85
CA ALA B 79 -19.23 12.51 -16.86
C ALA B 79 -17.97 11.99 -16.16
N CYS B 80 -17.28 12.90 -15.49
CA CYS B 80 -16.12 12.56 -14.69
C CYS B 80 -16.33 13.06 -13.27
N ARG B 81 -16.18 12.17 -12.30
CA ARG B 81 -16.36 12.53 -10.88
C ARG B 81 -15.06 12.41 -10.09
N VAL B 82 -14.73 13.46 -9.34
CA VAL B 82 -13.44 13.55 -8.68
C VAL B 82 -13.57 13.73 -7.16
N LYS B 83 -12.88 12.88 -6.41
CA LYS B 83 -12.83 13.00 -4.97
C LYS B 83 -11.43 13.44 -4.54
N HIS B 84 -11.37 14.46 -3.69
CA HIS B 84 -10.10 15.02 -3.23
C HIS B 84 -10.29 15.71 -1.89
N ASP B 85 -9.24 15.72 -1.07
CA ASP B 85 -9.29 16.27 0.29
C ASP B 85 -9.70 17.73 0.35
N SER B 86 -9.29 18.48 -0.66
CA SER B 86 -9.58 19.90 -0.72
C SER B 86 -11.08 20.17 -0.84
N MET B 87 -11.86 19.11 -1.03
CA MET B 87 -13.28 19.27 -1.33
C MET B 87 -14.19 18.55 -0.35
N ALA B 88 -15.15 19.29 0.20
CA ALA B 88 -16.15 18.70 1.08
C ALA B 88 -16.88 17.54 0.41
N GLU B 89 -17.24 17.71 -0.86
CA GLU B 89 -17.96 16.66 -1.60
C GLU B 89 -17.30 16.37 -2.94
N PRO B 90 -17.52 15.16 -3.47
CA PRO B 90 -16.95 14.82 -4.77
C PRO B 90 -17.54 15.74 -5.83
N LYS B 91 -16.73 16.12 -6.81
CA LYS B 91 -17.21 16.99 -7.87
C LYS B 91 -17.43 16.23 -9.16
N THR B 92 -18.62 16.37 -9.73
CA THR B 92 -18.93 15.72 -11.00
C THR B 92 -19.04 16.74 -12.12
N VAL B 93 -18.38 16.45 -13.23
CA VAL B 93 -18.42 17.32 -14.40
C VAL B 93 -18.95 16.52 -15.58
N TYR B 94 -19.97 17.05 -16.25
CA TYR B 94 -20.57 16.36 -17.38
C TYR B 94 -19.90 16.72 -18.71
N TRP B 95 -19.70 15.72 -19.57
CA TRP B 95 -19.18 15.99 -20.90
C TRP B 95 -20.22 16.74 -21.70
N ASP B 96 -19.79 17.87 -22.25
CA ASP B 96 -20.64 18.71 -23.08
C ASP B 96 -20.03 18.78 -24.49
N ARG B 97 -20.68 18.09 -25.40
CA ARG B 97 -20.27 17.98 -26.80
C ARG B 97 -19.67 19.25 -27.39
N ASP B 98 -20.13 20.41 -26.93
CA ASP B 98 -19.71 21.68 -27.51
C ASP B 98 -18.53 22.33 -26.80
N MET B 99 -17.93 21.63 -25.85
CA MET B 99 -16.81 22.17 -25.10
C MET B 99 -15.66 21.16 -24.96
N ARG C 1 18.73 11.28 -20.11
CA ARG C 1 19.43 10.47 -19.17
C ARG C 1 19.40 11.11 -17.81
N VAL C 2 19.00 10.37 -16.80
CA VAL C 2 18.89 10.93 -15.45
C VAL C 2 20.23 11.12 -14.77
N GLU C 3 20.23 11.99 -13.79
CA GLU C 3 21.38 12.24 -12.96
C GLU C 3 21.61 11.04 -12.06
N ASP C 4 22.82 10.88 -11.57
CA ASP C 4 23.15 9.77 -10.71
C ASP C 4 23.21 10.30 -9.34
N VAL C 5 22.49 9.70 -8.42
CA VAL C 5 22.36 10.23 -7.07
C VAL C 5 22.94 9.32 -6.03
N THR C 6 23.63 8.29 -6.48
CA THR C 6 24.11 7.26 -5.57
C THR C 6 24.94 7.78 -4.39
N ASN C 7 24.54 7.38 -3.19
CA ASN C 7 25.29 7.69 -1.97
C ASN C 7 25.35 9.18 -1.61
N THR C 8 24.20 9.85 -1.65
CA THR C 8 24.14 11.26 -1.27
C THR C 8 22.90 11.52 -0.42
N ALA C 9 22.38 10.45 0.17
CA ALA C 9 21.17 10.52 0.97
C ALA C 9 21.42 11.23 2.31
N GLU C 10 22.67 11.31 2.71
CA GLU C 10 23.03 12.00 3.93
C GLU C 10 23.10 13.47 3.70
N TYR C 11 22.93 13.89 2.46
CA TYR C 11 22.93 15.31 2.09
C TYR C 11 21.66 16.05 2.54
N TRP C 12 20.55 15.32 2.69
CA TRP C 12 19.33 15.95 3.20
C TRP C 12 19.55 16.40 4.64
N GLY D 1 7.11 -26.31 34.18
CA GLY D 1 7.59 -27.57 33.65
C GLY D 1 8.48 -27.35 32.45
N SER D 2 7.92 -27.57 31.25
CA SER D 2 8.65 -27.34 30.03
C SER D 2 8.32 -25.94 29.49
N HIS D 3 9.23 -25.36 28.71
CA HIS D 3 9.00 -24.03 28.14
C HIS D 3 9.48 -23.94 26.70
N SER D 4 9.03 -22.90 26.00
CA SER D 4 9.41 -22.70 24.60
C SER D 4 9.48 -21.23 24.25
N MET D 5 10.36 -20.89 23.33
CA MET D 5 10.34 -19.57 22.72
C MET D 5 10.09 -19.75 21.24
N ARG D 6 9.19 -18.93 20.70
CA ARG D 6 8.79 -19.09 19.30
C ARG D 6 8.69 -17.75 18.59
N TYR D 7 9.31 -17.64 17.42
CA TYR D 7 9.10 -16.48 16.57
C TYR D 7 8.35 -16.88 15.29
N PHE D 8 7.44 -16.01 14.85
CA PHE D 8 6.65 -16.25 13.67
C PHE D 8 6.81 -15.10 12.65
N TYR D 9 7.36 -15.41 11.48
CA TYR D 9 7.56 -14.39 10.44
C TYR D 9 6.61 -14.62 9.28
N THR D 10 6.02 -13.55 8.78
CA THR D 10 5.24 -13.64 7.56
C THR D 10 5.59 -12.49 6.61
N ALA D 11 5.94 -12.82 5.37
CA ALA D 11 6.07 -11.81 4.31
C ALA D 11 4.98 -12.02 3.26
N VAL D 12 4.31 -10.93 2.87
CA VAL D 12 3.25 -11.02 1.87
C VAL D 12 3.47 -10.01 0.75
N SER D 13 3.58 -10.51 -0.49
CA SER D 13 3.78 -9.63 -1.63
C SER D 13 2.46 -8.98 -2.07
N ARG D 14 2.58 -7.83 -2.73
CA ARG D 14 1.43 -7.08 -3.22
C ARG D 14 1.84 -6.36 -4.50
N PRO D 15 2.03 -7.14 -5.58
CA PRO D 15 2.60 -6.69 -6.85
C PRO D 15 1.83 -5.53 -7.45
N GLY D 16 2.55 -4.46 -7.79
CA GLY D 16 1.91 -3.26 -8.30
C GLY D 16 1.50 -2.30 -7.19
N ARG D 17 1.75 -2.69 -5.95
CA ARG D 17 1.41 -1.85 -4.81
C ARG D 17 2.57 -1.74 -3.85
N GLY D 18 3.79 -1.81 -4.38
CA GLY D 18 4.97 -1.66 -3.55
C GLY D 18 5.62 -2.98 -3.19
N GLU D 19 6.59 -2.92 -2.28
CA GLU D 19 7.34 -4.10 -1.87
C GLU D 19 6.59 -4.91 -0.82
N PRO D 20 6.95 -6.19 -0.66
CA PRO D 20 6.25 -7.06 0.29
C PRO D 20 6.28 -6.55 1.72
N ARG D 21 5.19 -6.80 2.44
CA ARG D 21 5.08 -6.40 3.83
C ARG D 21 5.54 -7.55 4.71
N PHE D 22 6.34 -7.21 5.73
CA PHE D 22 6.90 -8.21 6.63
C PHE D 22 6.41 -7.97 8.04
N ILE D 23 5.94 -9.02 8.69
CA ILE D 23 5.40 -8.93 10.04
C ILE D 23 5.98 -10.04 10.90
N ALA D 24 6.18 -9.78 12.19
CA ALA D 24 6.70 -10.81 13.08
C ALA D 24 6.11 -10.71 14.48
N VAL D 25 5.99 -11.85 15.15
CA VAL D 25 5.61 -11.87 16.55
C VAL D 25 6.47 -12.89 17.29
N GLY D 26 6.76 -12.60 18.55
CA GLY D 26 7.50 -13.53 19.38
C GLY D 26 6.66 -13.99 20.57
N TYR D 27 6.89 -15.23 20.98
CA TYR D 27 6.15 -15.82 22.08
C TYR D 27 7.09 -16.52 23.07
N VAL D 28 6.77 -16.40 24.34
CA VAL D 28 7.28 -17.32 25.34
C VAL D 28 6.10 -18.11 25.87
N ASP D 29 6.07 -19.41 25.57
CA ASP D 29 4.91 -20.23 25.89
C ASP D 29 3.71 -19.70 25.13
N ASP D 30 2.64 -19.38 25.83
CA ASP D 30 1.44 -18.89 25.15
C ASP D 30 1.27 -17.38 25.33
N THR D 31 2.37 -16.71 25.65
CA THR D 31 2.36 -15.28 25.90
C THR D 31 3.11 -14.53 24.81
N GLN D 32 2.44 -13.61 24.13
CA GLN D 32 3.09 -12.76 23.15
C GLN D 32 3.90 -11.71 23.88
N PHE D 33 5.17 -11.53 23.49
CA PHE D 33 6.02 -10.55 24.18
C PHE D 33 6.63 -9.49 23.28
N VAL D 34 6.61 -9.71 21.97
CA VAL D 34 7.18 -8.74 21.05
C VAL D 34 6.56 -8.79 19.65
N ARG D 35 6.65 -7.69 18.90
CA ARG D 35 6.13 -7.69 17.54
C ARG D 35 6.79 -6.65 16.63
N PHE D 36 6.66 -6.85 15.32
CA PHE D 36 7.23 -5.96 14.32
C PHE D 36 6.33 -5.89 13.08
N ASP D 37 6.31 -4.74 12.42
CA ASP D 37 5.51 -4.56 11.20
C ASP D 37 6.20 -3.57 10.27
N SER D 38 6.65 -4.04 9.11
CA SER D 38 7.42 -3.18 8.23
C SER D 38 6.57 -2.07 7.60
N ASP D 39 5.27 -2.11 7.85
CA ASP D 39 4.36 -1.10 7.31
C ASP D 39 4.17 0.09 8.26
N ALA D 40 4.62 -0.09 9.51
CA ALA D 40 4.43 0.92 10.54
C ALA D 40 5.07 2.26 10.18
N ALA D 41 4.51 3.33 10.75
CA ALA D 41 5.00 4.69 10.51
C ALA D 41 6.48 4.80 10.84
N SER D 42 6.87 4.25 11.98
CA SER D 42 8.29 4.13 12.31
C SER D 42 8.56 2.68 12.70
N PRO D 43 8.97 1.86 11.74
CA PRO D 43 9.01 0.42 12.01
C PRO D 43 10.06 0.05 13.04
N ARG D 44 9.63 -0.43 14.19
CA ARG D 44 10.55 -1.05 15.15
C ARG D 44 9.91 -2.16 15.98
N MET D 45 10.76 -3.01 16.53
CA MET D 45 10.29 -4.05 17.43
C MET D 45 9.62 -3.37 18.62
N GLU D 46 8.47 -3.88 19.02
CA GLU D 46 7.74 -3.30 20.14
C GLU D 46 7.44 -4.35 21.18
N PRO D 47 7.45 -3.95 22.46
CA PRO D 47 7.10 -4.85 23.55
C PRO D 47 5.60 -5.14 23.58
N ARG D 48 5.25 -6.36 23.95
CA ARG D 48 3.85 -6.70 24.13
C ARG D 48 3.62 -7.41 25.46
N ALA D 49 4.63 -7.32 26.33
CA ALA D 49 4.55 -7.87 27.66
C ALA D 49 5.46 -7.06 28.59
N PRO D 50 4.96 -6.73 29.78
CA PRO D 50 5.64 -5.86 30.76
C PRO D 50 7.08 -6.29 31.05
N TRP D 51 7.36 -7.58 30.99
CA TRP D 51 8.68 -8.06 31.40
C TRP D 51 9.77 -7.93 30.33
N VAL D 52 9.42 -7.41 29.16
CA VAL D 52 10.46 -7.06 28.19
C VAL D 52 10.68 -5.57 28.08
N GLU D 53 9.79 -4.78 28.66
CA GLU D 53 9.93 -3.34 28.61
C GLU D 53 11.23 -2.91 29.29
N GLN D 54 11.64 -3.69 30.29
CA GLN D 54 12.83 -3.36 31.06
C GLN D 54 14.14 -3.58 30.31
N GLU D 55 14.08 -4.17 29.13
CA GLU D 55 15.27 -4.33 28.31
C GLU D 55 15.75 -2.95 27.86
N GLY D 56 17.06 -2.73 27.93
CA GLY D 56 17.63 -1.44 27.61
C GLY D 56 17.39 -1.03 26.17
N PRO D 57 17.66 0.24 25.86
CA PRO D 57 17.46 0.82 24.52
C PRO D 57 18.21 0.05 23.43
N GLU D 58 19.37 -0.49 23.76
CA GLU D 58 20.20 -1.16 22.77
C GLU D 58 19.67 -2.54 22.41
N TYR D 59 18.93 -3.15 23.33
CA TYR D 59 18.27 -4.41 23.03
C TYR D 59 17.29 -4.17 21.88
N TRP D 60 16.53 -3.08 21.99
CA TRP D 60 15.54 -2.75 20.98
C TRP D 60 16.14 -2.33 19.64
N GLU D 61 17.22 -1.56 19.67
CA GLU D 61 17.88 -1.15 18.45
C GLU D 61 18.35 -2.38 17.68
N ARG D 62 18.83 -3.37 18.41
CA ARG D 62 19.34 -4.56 17.77
C ARG D 62 18.20 -5.39 17.18
N GLU D 63 17.15 -5.62 17.96
CA GLU D 63 15.98 -6.32 17.45
C GLU D 63 15.47 -5.68 16.16
N THR D 64 15.33 -4.36 16.19
CA THR D 64 14.83 -3.60 15.05
C THR D 64 15.73 -3.75 13.82
N ARG D 65 17.03 -3.59 14.01
CA ARG D 65 17.99 -3.76 12.94
C ARG D 65 17.86 -5.14 12.30
N ASN D 66 17.71 -6.17 13.14
CA ASN D 66 17.54 -7.52 12.65
C ASN D 66 16.19 -7.75 11.94
N MET D 67 15.16 -7.01 12.35
CA MET D 67 13.86 -7.11 11.69
C MET D 67 13.86 -6.45 10.32
N LYS D 68 14.42 -5.24 10.22
CA LYS D 68 14.57 -4.61 8.92
C LYS D 68 15.41 -5.49 7.99
N GLU D 69 16.35 -6.22 8.56
CA GLU D 69 17.20 -7.10 7.77
C GLU D 69 16.42 -8.35 7.32
N ALA D 70 15.61 -8.90 8.23
CA ALA D 70 14.76 -10.04 7.90
C ALA D 70 13.73 -9.67 6.82
N THR D 71 13.17 -8.48 6.92
CA THR D 71 12.17 -8.08 5.92
C THR D 71 12.82 -8.05 4.53
N GLN D 72 14.05 -7.55 4.46
CA GLN D 72 14.75 -7.49 3.19
C GLN D 72 15.07 -8.90 2.69
N ASN D 73 15.48 -9.75 3.62
CA ASN D 73 15.81 -11.13 3.31
C ASN D 73 14.61 -11.91 2.73
N PHE D 74 13.43 -11.67 3.29
CA PHE D 74 12.24 -12.36 2.82
C PHE D 74 11.69 -11.79 1.52
N ARG D 75 11.98 -10.52 1.27
CA ARG D 75 11.62 -9.92 -0.02
C ARG D 75 12.43 -10.56 -1.13
N VAL D 76 13.72 -10.78 -0.90
CA VAL D 76 14.54 -11.51 -1.85
C VAL D 76 14.01 -12.94 -2.02
N GLY D 77 13.69 -13.59 -0.90
CA GLY D 77 13.13 -14.93 -0.93
C GLY D 77 11.91 -15.02 -1.83
N LEU D 78 10.96 -14.11 -1.63
CA LEU D 78 9.72 -14.10 -2.42
C LEU D 78 10.01 -13.96 -3.91
N ASN D 79 10.92 -13.04 -4.25
CA ASN D 79 11.24 -12.80 -5.65
C ASN D 79 11.90 -14.02 -6.27
N THR D 80 12.81 -14.62 -5.51
CA THR D 80 13.56 -15.80 -5.95
C THR D 80 12.66 -17.01 -6.16
N LEU D 81 11.81 -17.31 -5.19
CA LEU D 81 10.94 -18.49 -5.30
C LEU D 81 9.90 -18.30 -6.38
N HIS D 82 9.43 -17.06 -6.54
CA HIS D 82 8.52 -16.69 -7.61
C HIS D 82 9.17 -17.09 -8.94
N GLY D 83 10.49 -16.93 -9.01
CA GLY D 83 11.25 -17.32 -10.18
C GLY D 83 11.29 -18.82 -10.37
N TYR D 84 11.68 -19.54 -9.32
CA TYR D 84 11.75 -21.01 -9.38
C TYR D 84 10.45 -21.62 -9.87
N TYR D 85 9.32 -21.04 -9.45
CA TYR D 85 8.02 -21.64 -9.72
C TYR D 85 7.41 -21.12 -11.00
N ASN D 86 7.97 -20.03 -11.53
CA ASN D 86 7.47 -19.42 -12.76
C ASN D 86 6.01 -19.01 -12.64
N GLN D 87 5.70 -18.24 -11.61
CA GLN D 87 4.34 -17.78 -11.38
C GLN D 87 4.04 -16.47 -12.08
N SER D 88 2.76 -16.19 -12.28
CA SER D 88 2.33 -14.94 -12.90
C SER D 88 2.80 -13.76 -12.08
N GLU D 89 3.03 -12.63 -12.74
CA GLU D 89 3.53 -11.44 -12.06
C GLU D 89 2.47 -10.77 -11.19
N ALA D 90 1.20 -11.09 -11.43
CA ALA D 90 0.09 -10.34 -10.84
C ALA D 90 -0.37 -10.82 -9.46
N GLY D 91 -0.17 -12.10 -9.13
CA GLY D 91 -0.68 -12.63 -7.89
C GLY D 91 0.14 -12.33 -6.64
N SER D 92 -0.52 -12.30 -5.49
CA SER D 92 0.15 -12.16 -4.20
C SER D 92 0.61 -13.51 -3.67
N HIS D 93 1.70 -13.52 -2.91
CA HIS D 93 2.31 -14.74 -2.40
C HIS D 93 2.83 -14.58 -0.98
N THR D 94 3.02 -15.69 -0.28
CA THR D 94 3.45 -15.60 1.10
C THR D 94 4.66 -16.48 1.41
N LEU D 95 5.44 -16.01 2.38
CA LEU D 95 6.63 -16.72 2.82
C LEU D 95 6.63 -16.70 4.33
N GLN D 96 6.57 -17.87 4.96
CA GLN D 96 6.51 -17.93 6.42
C GLN D 96 7.70 -18.65 7.03
N ARG D 97 8.08 -18.22 8.23
CA ARG D 97 9.03 -18.95 9.02
C ARG D 97 8.55 -19.02 10.45
N MET D 98 8.72 -20.18 11.06
CA MET D 98 8.57 -20.27 12.51
C MET D 98 9.80 -20.99 13.03
N TYR D 99 10.43 -20.41 14.04
CA TYR D 99 11.63 -20.98 14.63
C TYR D 99 11.65 -20.69 16.12
N GLY D 100 12.48 -21.43 16.85
CA GLY D 100 12.52 -21.32 18.29
C GLY D 100 13.04 -22.57 18.95
N CYS D 101 12.83 -22.69 20.26
CA CYS D 101 13.38 -23.80 21.03
C CYS D 101 12.55 -24.20 22.23
N ASP D 102 12.66 -25.48 22.61
CA ASP D 102 12.01 -25.99 23.81
C ASP D 102 13.09 -26.33 24.83
N VAL D 103 12.82 -26.02 26.10
CA VAL D 103 13.70 -26.43 27.19
C VAL D 103 12.94 -27.28 28.20
N GLY D 104 13.60 -28.34 28.69
CA GLY D 104 13.03 -29.19 29.70
C GLY D 104 13.05 -28.52 31.06
N PRO D 105 12.50 -29.19 32.09
CA PRO D 105 12.42 -28.62 33.45
C PRO D 105 13.79 -28.22 34.00
N ASP D 106 14.85 -28.80 33.44
CA ASP D 106 16.22 -28.48 33.86
C ASP D 106 16.73 -27.18 33.25
N GLY D 107 16.12 -26.77 32.14
CA GLY D 107 16.56 -25.57 31.44
C GLY D 107 17.54 -25.91 30.34
N ARG D 108 17.60 -27.20 30.00
CA ARG D 108 18.47 -27.67 28.92
C ARG D 108 17.68 -27.77 27.62
N LEU D 109 18.36 -27.59 26.50
CA LEU D 109 17.71 -27.66 25.20
C LEU D 109 17.02 -29.00 24.94
N LEU D 110 15.72 -28.94 24.73
CA LEU D 110 14.91 -30.12 24.45
C LEU D 110 14.88 -30.37 22.95
N ARG D 111 14.69 -29.31 22.18
CA ARG D 111 14.80 -29.38 20.73
C ARG D 111 14.60 -28.02 20.08
N GLY D 112 15.10 -27.88 18.86
CA GLY D 112 15.04 -26.63 18.12
C GLY D 112 14.24 -26.72 16.83
N TYR D 113 13.73 -25.57 16.38
CA TYR D 113 12.89 -25.51 15.21
C TYR D 113 13.30 -24.36 14.29
N ARG D 114 13.20 -24.60 12.99
CA ARG D 114 13.33 -23.54 11.98
C ARG D 114 12.74 -24.04 10.67
N GLN D 115 11.49 -23.68 10.42
CA GLN D 115 10.75 -24.20 9.27
C GLN D 115 10.20 -23.07 8.44
N ASP D 116 10.27 -23.22 7.13
CA ASP D 116 9.77 -22.21 6.20
C ASP D 116 8.66 -22.79 5.32
N ALA D 117 7.67 -21.97 5.00
CA ALA D 117 6.59 -22.39 4.09
C ALA D 117 6.46 -21.40 2.96
N TYR D 118 6.07 -21.89 1.79
CA TYR D 118 5.79 -21.03 0.66
C TYR D 118 4.33 -21.15 0.25
N ASP D 119 3.62 -20.03 0.22
CA ASP D 119 2.21 -20.02 -0.12
C ASP D 119 1.40 -20.98 0.75
N GLY D 120 1.78 -21.09 2.02
CA GLY D 120 1.02 -21.87 2.98
C GLY D 120 1.39 -23.34 3.09
N ALA D 121 2.45 -23.77 2.41
CA ALA D 121 2.83 -25.18 2.44
C ALA D 121 4.32 -25.33 2.76
N ASP D 122 4.66 -26.44 3.40
CA ASP D 122 6.06 -26.77 3.70
C ASP D 122 6.95 -26.45 2.51
N TYR D 123 8.03 -25.71 2.76
CA TYR D 123 8.99 -25.44 1.70
C TYR D 123 10.34 -26.05 2.05
N ILE D 124 10.90 -25.66 3.19
CA ILE D 124 12.14 -26.25 3.65
C ILE D 124 12.25 -26.10 5.16
N ALA D 125 12.86 -27.08 5.81
CA ALA D 125 12.97 -27.05 7.27
C ALA D 125 14.30 -27.63 7.76
N LEU D 126 14.83 -27.04 8.83
CA LEU D 126 16.03 -27.56 9.47
C LEU D 126 15.65 -28.81 10.24
N ASN D 127 16.32 -29.92 9.94
CA ASN D 127 16.04 -31.20 10.60
C ASN D 127 16.36 -31.17 12.08
N GLU D 128 15.81 -32.13 12.83
CA GLU D 128 15.99 -32.15 14.27
C GLU D 128 17.47 -32.24 14.67
N ASP D 129 18.30 -32.80 13.81
CA ASP D 129 19.72 -32.89 14.08
C ASP D 129 20.39 -31.53 14.00
N LEU D 130 19.65 -30.55 13.48
CA LEU D 130 20.16 -29.18 13.31
C LEU D 130 21.43 -29.14 12.47
N ARG D 131 21.57 -30.12 11.57
CA ARG D 131 22.75 -30.20 10.71
C ARG D 131 22.38 -30.51 9.26
N SER D 132 21.09 -30.74 9.01
CA SER D 132 20.63 -31.04 7.66
C SER D 132 19.28 -30.39 7.38
N TRP D 133 18.93 -30.30 6.10
CA TRP D 133 17.67 -29.70 5.69
C TRP D 133 16.79 -30.70 4.95
N THR D 134 15.48 -30.59 5.15
CA THR D 134 14.51 -31.34 4.35
C THR D 134 13.80 -30.40 3.39
N ALA D 135 13.85 -30.71 2.11
CA ALA D 135 13.24 -29.89 1.07
C ALA D 135 11.96 -30.55 0.54
N ALA D 136 10.87 -29.80 0.53
CA ALA D 136 9.58 -30.37 0.18
C ALA D 136 9.43 -30.65 -1.30
N ASP D 137 10.11 -29.87 -2.14
CA ASP D 137 9.99 -30.01 -3.58
C ASP D 137 11.26 -29.64 -4.33
N ALA D 138 11.16 -29.63 -5.65
CA ALA D 138 12.29 -29.32 -6.53
C ALA D 138 12.89 -27.97 -6.19
N ALA D 139 12.06 -26.93 -6.25
CA ALA D 139 12.50 -25.58 -5.97
C ALA D 139 13.25 -25.54 -4.65
N ALA D 140 12.69 -26.20 -3.65
CA ALA D 140 13.25 -26.19 -2.31
C ALA D 140 14.68 -26.74 -2.26
N GLN D 141 14.95 -27.76 -3.07
CA GLN D 141 16.28 -28.34 -3.10
C GLN D 141 17.33 -27.35 -3.58
N ILE D 142 16.95 -26.46 -4.49
CA ILE D 142 17.83 -25.38 -4.91
C ILE D 142 18.21 -24.53 -3.69
N THR D 143 17.20 -24.08 -2.94
CA THR D 143 17.46 -23.36 -1.70
C THR D 143 18.36 -24.18 -0.78
N ARG D 144 18.06 -25.47 -0.64
CA ARG D 144 18.84 -26.35 0.20
C ARG D 144 20.31 -26.42 -0.22
N ARG D 145 20.55 -26.63 -1.51
CA ARG D 145 21.89 -26.64 -2.08
C ARG D 145 22.66 -25.38 -1.70
N LYS D 146 22.01 -24.22 -1.87
CA LYS D 146 22.64 -22.94 -1.56
C LYS D 146 22.93 -22.78 -0.07
N ARG D 147 22.05 -23.32 0.76
CA ARG D 147 22.22 -23.21 2.21
C ARG D 147 23.33 -24.12 2.71
N GLU D 148 23.49 -25.28 2.08
CA GLU D 148 24.58 -26.19 2.43
C GLU D 148 25.92 -25.57 2.05
N GLU D 149 26.07 -25.20 0.79
CA GLU D 149 27.28 -24.54 0.32
C GLU D 149 27.74 -23.44 1.27
N ALA D 150 26.80 -22.63 1.73
CA ALA D 150 27.12 -21.49 2.59
C ALA D 150 27.24 -21.88 4.07
N GLY D 151 26.96 -23.14 4.39
CA GLY D 151 27.06 -23.63 5.75
C GLY D 151 26.19 -22.90 6.75
N GLU D 152 24.96 -22.57 6.37
CA GLU D 152 24.07 -21.82 7.24
C GLU D 152 23.56 -22.66 8.40
N ALA D 153 23.34 -23.95 8.13
CA ALA D 153 22.90 -24.88 9.16
C ALA D 153 23.71 -24.67 10.43
N GLU D 154 25.01 -24.47 10.27
CA GLU D 154 25.89 -24.26 11.41
C GLU D 154 25.46 -23.05 12.23
N GLN D 155 25.32 -21.90 11.57
CA GLN D 155 24.95 -20.66 12.24
C GLN D 155 23.60 -20.79 12.93
N CYS D 156 22.68 -21.52 12.29
CA CYS D 156 21.35 -21.75 12.86
C CYS D 156 21.43 -22.58 14.13
N ARG D 157 22.27 -23.60 14.12
CA ARG D 157 22.45 -24.48 15.26
C ARG D 157 23.04 -23.70 16.44
N ASN D 158 23.99 -22.81 16.15
CA ASN D 158 24.55 -21.95 17.17
C ASN D 158 23.48 -21.10 17.85
N TYR D 159 22.62 -20.49 17.05
CA TYR D 159 21.54 -19.66 17.59
C TYR D 159 20.61 -20.49 18.45
N LEU D 160 20.18 -21.63 17.92
CA LEU D 160 19.21 -22.47 18.62
C LEU D 160 19.79 -23.07 19.89
N GLU D 161 21.06 -23.48 19.84
CA GLU D 161 21.68 -24.11 21.00
C GLU D 161 22.09 -23.12 22.08
N GLY D 162 22.48 -21.92 21.68
CA GLY D 162 22.96 -20.93 22.62
C GLY D 162 22.00 -19.78 22.87
N THR D 163 22.13 -18.74 22.06
CA THR D 163 21.32 -17.54 22.19
C THR D 163 19.88 -17.81 22.58
N CYS D 164 19.20 -18.66 21.80
CA CYS D 164 17.79 -18.93 21.99
C CYS D 164 17.50 -19.40 23.41
N VAL D 165 18.16 -20.47 23.84
CA VAL D 165 17.94 -20.99 25.18
C VAL D 165 18.23 -19.93 26.23
N GLU D 166 19.41 -19.33 26.14
CA GLU D 166 19.85 -18.35 27.13
C GLU D 166 18.87 -17.19 27.30
N TRP D 167 18.27 -16.74 26.20
CA TRP D 167 17.31 -15.65 26.27
C TRP D 167 15.95 -16.12 26.79
N LEU D 168 15.55 -17.33 26.41
CA LEU D 168 14.32 -17.91 26.94
C LEU D 168 14.37 -17.92 28.47
N LEU D 169 15.48 -18.43 29.00
CA LEU D 169 15.68 -18.50 30.44
C LEU D 169 15.73 -17.11 31.07
N ARG D 170 16.38 -16.18 30.40
CA ARG D 170 16.40 -14.79 30.88
C ARG D 170 15.00 -14.21 30.94
N TYR D 171 14.19 -14.46 29.90
CA TYR D 171 12.82 -13.95 29.86
C TYR D 171 11.96 -14.60 30.93
N LEU D 172 12.10 -15.92 31.10
CA LEU D 172 11.35 -16.67 32.10
C LEU D 172 11.59 -16.10 33.50
N GLU D 173 12.84 -15.75 33.78
CA GLU D 173 13.21 -15.16 35.06
C GLU D 173 12.53 -13.81 35.28
N ASN D 174 12.80 -12.87 34.37
CA ASN D 174 12.23 -11.53 34.46
C ASN D 174 10.71 -11.50 34.58
N GLY D 175 10.05 -12.48 33.99
CA GLY D 175 8.60 -12.53 34.01
C GLY D 175 8.04 -13.71 34.77
N ASN D 176 8.79 -14.20 35.75
CA ASN D 176 8.39 -15.37 36.53
C ASN D 176 7.01 -15.23 37.17
N GLU D 177 6.68 -14.03 37.63
CA GLU D 177 5.44 -13.81 38.36
C GLU D 177 4.21 -14.05 37.50
N THR D 178 4.38 -14.02 36.18
CA THR D 178 3.27 -14.24 35.25
C THR D 178 3.45 -15.51 34.40
N LEU D 179 4.68 -15.75 33.94
CA LEU D 179 4.94 -16.86 33.02
C LEU D 179 4.97 -18.22 33.69
N GLN D 180 5.35 -18.26 34.96
CA GLN D 180 5.47 -19.53 35.67
C GLN D 180 4.34 -19.73 36.68
N ARG D 181 3.18 -19.16 36.37
CA ARG D 181 2.02 -19.23 37.25
C ARG D 181 0.75 -19.54 36.45
N ALA D 182 0.23 -20.74 36.61
CA ALA D 182 -0.99 -21.13 35.90
C ALA D 182 -2.21 -20.47 36.52
N ASP D 183 -3.24 -20.26 35.69
CA ASP D 183 -4.53 -19.75 36.15
C ASP D 183 -5.58 -20.82 35.93
N ALA D 184 -6.15 -21.32 37.02
CA ALA D 184 -7.17 -22.35 36.92
C ALA D 184 -8.38 -21.84 36.16
N PRO D 185 -9.04 -22.72 35.40
CA PRO D 185 -10.28 -22.35 34.71
C PRO D 185 -11.41 -22.16 35.70
N LYS D 186 -12.27 -21.17 35.45
CA LYS D 186 -13.53 -21.09 36.15
C LYS D 186 -14.54 -21.87 35.34
N THR D 187 -15.15 -22.88 35.96
CA THR D 187 -15.98 -23.83 35.23
C THR D 187 -17.43 -23.79 35.64
N HIS D 188 -18.32 -23.99 34.68
CA HIS D 188 -19.74 -24.12 34.97
C HIS D 188 -20.47 -24.85 33.86
N VAL D 189 -21.72 -25.23 34.11
CA VAL D 189 -22.51 -25.96 33.13
C VAL D 189 -23.77 -25.20 32.80
N THR D 190 -24.06 -25.06 31.50
CA THR D 190 -25.32 -24.45 31.09
C THR D 190 -26.28 -25.48 30.49
N HIS D 191 -27.54 -25.08 30.37
CA HIS D 191 -28.63 -25.99 30.04
C HIS D 191 -29.49 -25.34 28.96
N HIS D 192 -29.50 -25.93 27.78
CA HIS D 192 -30.19 -25.34 26.62
C HIS D 192 -31.10 -26.34 25.92
N PRO D 193 -32.40 -26.28 26.21
CA PRO D 193 -33.37 -27.21 25.63
C PRO D 193 -33.55 -26.97 24.14
N ILE D 194 -33.56 -28.04 23.35
CA ILE D 194 -33.81 -27.93 21.92
C ILE D 194 -35.31 -28.10 21.66
N SER D 195 -35.90 -29.06 22.35
CA SER D 195 -37.32 -29.37 22.22
C SER D 195 -37.86 -29.88 23.55
N ASP D 196 -39.02 -30.53 23.49
CA ASP D 196 -39.56 -31.19 24.67
C ASP D 196 -38.89 -32.54 24.86
N HIS D 197 -38.04 -32.90 23.89
CA HIS D 197 -37.41 -34.22 23.88
C HIS D 197 -35.91 -34.14 24.07
N GLU D 198 -35.32 -33.02 23.67
CA GLU D 198 -33.86 -32.87 23.69
C GLU D 198 -33.40 -31.56 24.29
N VAL D 199 -32.32 -31.63 25.08
CA VAL D 199 -31.69 -30.44 25.62
C VAL D 199 -30.18 -30.53 25.46
N THR D 200 -29.54 -29.39 25.27
CA THR D 200 -28.08 -29.33 25.17
C THR D 200 -27.47 -28.99 26.53
N LEU D 201 -26.45 -29.76 26.90
CA LEU D 201 -25.66 -29.45 28.08
C LEU D 201 -24.28 -28.97 27.65
N ARG D 202 -23.90 -27.78 28.10
CA ARG D 202 -22.64 -27.19 27.69
C ARG D 202 -21.72 -26.89 28.89
N CYS D 203 -20.52 -27.46 28.85
CA CYS D 203 -19.57 -27.32 29.94
C CYS D 203 -18.52 -26.27 29.58
N TRP D 204 -18.46 -25.19 30.38
CA TRP D 204 -17.58 -24.06 30.13
C TRP D 204 -16.30 -24.10 30.96
N ALA D 205 -15.21 -23.59 30.39
CA ALA D 205 -13.99 -23.32 31.13
C ALA D 205 -13.49 -21.95 30.71
N LEU D 206 -13.41 -21.04 31.67
CA LEU D 206 -13.11 -19.63 31.38
C LEU D 206 -11.90 -19.12 32.16
N GLY D 207 -11.12 -18.27 31.50
CA GLY D 207 -10.06 -17.53 32.16
C GLY D 207 -8.83 -18.32 32.55
N PHE D 208 -8.51 -19.36 31.77
CA PHE D 208 -7.36 -20.20 32.12
C PHE D 208 -6.08 -19.90 31.34
N TYR D 209 -4.96 -20.25 31.94
CA TYR D 209 -3.66 -20.14 31.30
C TYR D 209 -2.77 -21.20 31.92
N PRO D 210 -1.95 -21.90 31.12
CA PRO D 210 -1.78 -21.79 29.67
C PRO D 210 -2.99 -22.31 28.90
N GLU D 211 -2.89 -22.37 27.57
CA GLU D 211 -4.05 -22.71 26.75
C GLU D 211 -4.36 -24.20 26.72
N GLU D 212 -3.37 -25.01 27.07
CA GLU D 212 -3.56 -26.46 27.14
C GLU D 212 -4.59 -26.86 28.20
N ILE D 213 -5.65 -27.54 27.79
CA ILE D 213 -6.69 -27.94 28.73
C ILE D 213 -7.43 -29.18 28.25
N SER D 214 -8.07 -29.87 29.19
CA SER D 214 -8.84 -31.08 28.87
C SER D 214 -10.29 -30.98 29.33
N LEU D 215 -11.22 -31.17 28.39
CA LEU D 215 -12.65 -31.15 28.68
C LEU D 215 -13.31 -32.40 28.12
N SER D 216 -14.26 -32.98 28.86
CA SER D 216 -14.93 -34.18 28.39
C SER D 216 -16.21 -34.46 29.15
N TRP D 217 -17.20 -35.02 28.46
CA TRP D 217 -18.44 -35.43 29.09
C TRP D 217 -18.47 -36.93 29.32
N GLN D 218 -19.20 -37.35 30.36
CA GLN D 218 -19.43 -38.76 30.62
C GLN D 218 -20.89 -39.00 30.92
N ARG D 219 -21.33 -40.24 30.71
CA ARG D 219 -22.68 -40.65 31.10
C ARG D 219 -22.59 -41.90 31.97
N ASP D 220 -23.16 -41.82 33.16
CA ASP D 220 -23.19 -42.93 34.11
C ASP D 220 -21.81 -43.34 34.60
N GLY D 221 -20.78 -42.59 34.19
CA GLY D 221 -19.44 -42.82 34.68
C GLY D 221 -18.50 -43.29 33.60
N GLU D 222 -18.94 -43.15 32.35
CA GLU D 222 -18.13 -43.58 31.23
C GLU D 222 -18.23 -42.61 30.07
N ASP D 223 -17.24 -42.68 29.18
CA ASP D 223 -17.05 -41.68 28.15
C ASP D 223 -18.15 -41.63 27.11
N VAL D 224 -18.18 -40.53 26.37
CA VAL D 224 -19.05 -40.39 25.22
C VAL D 224 -18.50 -39.24 24.38
N THR D 225 -17.22 -39.32 24.05
CA THR D 225 -16.55 -38.32 23.22
C THR D 225 -17.21 -38.25 21.85
N GLN D 226 -17.69 -39.39 21.37
CA GLN D 226 -18.61 -39.39 20.24
C GLN D 226 -19.84 -38.64 20.70
N ASP D 227 -20.40 -37.80 19.82
CA ASP D 227 -21.55 -36.97 20.18
C ASP D 227 -21.11 -35.65 20.83
N THR D 228 -19.89 -35.61 21.34
CA THR D 228 -19.37 -34.40 21.99
C THR D 228 -18.99 -33.34 20.96
N GLU D 229 -19.51 -32.13 21.12
CA GLU D 229 -19.14 -31.01 20.28
C GLU D 229 -18.21 -30.05 21.02
N PHE D 230 -17.03 -29.81 20.46
CA PHE D 230 -16.06 -28.89 21.05
C PHE D 230 -15.89 -27.63 20.21
N VAL D 231 -15.43 -26.55 20.84
CA VAL D 231 -14.96 -25.39 20.09
C VAL D 231 -13.46 -25.21 20.31
N GLU D 232 -12.78 -24.68 19.30
CA GLU D 232 -11.36 -24.43 19.41
C GLU D 232 -11.11 -23.46 20.57
N THR D 233 -10.11 -23.79 21.38
CA THR D 233 -9.70 -22.92 22.46
C THR D 233 -9.47 -21.52 21.94
N ARG D 234 -10.13 -20.54 22.55
CA ARG D 234 -10.12 -19.18 22.04
C ARG D 234 -9.57 -18.21 23.08
N PRO D 235 -8.88 -17.17 22.62
CA PRO D 235 -8.31 -16.16 23.55
C PRO D 235 -9.39 -15.23 24.07
N ALA D 236 -9.30 -14.85 25.34
CA ALA D 236 -10.27 -13.94 25.93
C ALA D 236 -9.90 -12.50 25.60
N GLY D 237 -8.64 -12.29 25.23
CA GLY D 237 -8.15 -10.98 24.88
C GLY D 237 -7.28 -10.41 25.96
N ASP D 238 -7.33 -11.02 27.14
CA ASP D 238 -6.55 -10.53 28.28
C ASP D 238 -5.47 -11.54 28.68
N ARG D 239 -5.03 -12.33 27.71
CA ARG D 239 -3.96 -13.32 27.92
C ARG D 239 -4.48 -14.68 28.41
N THR D 240 -5.75 -14.74 28.83
CA THR D 240 -6.34 -16.02 29.21
C THR D 240 -7.18 -16.60 28.06
N PHE D 241 -7.62 -17.84 28.23
CA PHE D 241 -8.31 -18.57 27.17
C PHE D 241 -9.67 -19.10 27.61
N GLN D 242 -10.49 -19.50 26.63
CA GLN D 242 -11.79 -20.08 26.92
C GLN D 242 -12.01 -21.30 26.06
N LYS D 243 -12.89 -22.19 26.51
CA LYS D 243 -13.27 -23.37 25.76
C LYS D 243 -14.54 -23.96 26.35
N TRP D 244 -15.38 -24.56 25.51
CA TRP D 244 -16.51 -25.33 26.01
C TRP D 244 -16.71 -26.63 25.23
N ALA D 245 -17.36 -27.59 25.90
CA ALA D 245 -17.76 -28.86 25.30
C ALA D 245 -19.26 -29.05 25.54
N ALA D 246 -19.97 -29.57 24.54
CA ALA D 246 -21.41 -29.72 24.63
C ALA D 246 -21.88 -31.10 24.13
N VAL D 247 -22.95 -31.60 24.75
CA VAL D 247 -23.62 -32.80 24.27
C VAL D 247 -25.13 -32.60 24.21
N VAL D 248 -25.77 -33.29 23.27
CA VAL D 248 -27.23 -33.32 23.22
C VAL D 248 -27.72 -34.54 23.97
N VAL D 249 -28.70 -34.34 24.86
CA VAL D 249 -29.24 -35.43 25.64
C VAL D 249 -30.76 -35.34 25.75
N PRO D 250 -31.41 -36.45 26.14
CA PRO D 250 -32.87 -36.47 26.25
C PRO D 250 -33.36 -35.81 27.52
N SER D 251 -34.54 -35.18 27.45
CA SER D 251 -35.17 -34.62 28.65
C SER D 251 -35.27 -35.68 29.74
N GLY D 252 -34.96 -35.28 30.97
CA GLY D 252 -35.09 -36.17 32.10
C GLY D 252 -33.90 -37.09 32.31
N GLU D 253 -32.93 -37.00 31.42
CA GLU D 253 -31.72 -37.81 31.51
C GLU D 253 -30.52 -37.01 32.02
N GLU D 254 -30.74 -35.72 32.23
CA GLU D 254 -29.63 -34.81 32.54
C GLU D 254 -28.67 -35.30 33.62
N GLN D 255 -29.20 -35.87 34.71
CA GLN D 255 -28.38 -36.26 35.84
C GLN D 255 -27.45 -37.44 35.56
N ARG D 256 -27.65 -38.09 34.41
CA ARG D 256 -26.79 -39.19 34.02
C ARG D 256 -25.40 -38.67 33.64
N TYR D 257 -25.32 -37.37 33.36
CA TYR D 257 -24.12 -36.78 32.78
C TYR D 257 -23.24 -35.99 33.73
N THR D 258 -21.93 -36.03 33.47
CA THR D 258 -20.97 -35.23 34.19
C THR D 258 -19.93 -34.66 33.24
N CYS D 259 -19.40 -33.49 33.57
CA CYS D 259 -18.31 -32.89 32.81
C CYS D 259 -17.04 -32.96 33.64
N HIS D 260 -15.91 -33.21 32.98
CA HIS D 260 -14.65 -33.39 33.67
C HIS D 260 -13.58 -32.49 33.06
N VAL D 261 -12.97 -31.66 33.91
CA VAL D 261 -12.00 -30.68 33.45
C VAL D 261 -10.66 -30.89 34.13
N GLN D 262 -9.61 -31.00 33.34
CA GLN D 262 -8.26 -31.10 33.89
C GLN D 262 -7.41 -29.95 33.34
N HIS D 263 -6.64 -29.33 34.22
CA HIS D 263 -5.80 -28.21 33.82
C HIS D 263 -4.60 -28.06 34.73
N GLU D 264 -3.48 -27.60 34.17
CA GLU D 264 -2.25 -27.41 34.92
C GLU D 264 -2.46 -26.73 36.27
N GLY D 265 -3.35 -25.74 36.31
CA GLY D 265 -3.56 -24.95 37.50
C GLY D 265 -4.63 -25.46 38.44
N LEU D 266 -5.10 -26.67 38.19
CA LEU D 266 -6.00 -27.34 39.07
C LEU D 266 -5.20 -28.45 39.73
N ALA D 267 -5.24 -28.55 41.03
CA ALA D 267 -4.46 -29.58 41.67
C ALA D 267 -4.93 -30.93 41.24
N GLU D 268 -6.23 -31.01 41.15
CA GLU D 268 -7.02 -32.21 40.95
C GLU D 268 -8.14 -31.94 39.96
N PRO D 269 -8.41 -32.92 39.09
CA PRO D 269 -9.52 -32.84 38.14
C PRO D 269 -10.82 -32.42 38.80
N VAL D 270 -11.62 -31.67 38.06
CA VAL D 270 -12.87 -31.14 38.57
C VAL D 270 -14.03 -31.84 37.87
N THR D 271 -15.10 -32.08 38.60
CA THR D 271 -16.29 -32.70 38.01
C THR D 271 -17.53 -31.85 38.20
N LEU D 272 -18.20 -31.52 37.12
CA LEU D 272 -19.43 -30.75 37.20
C LEU D 272 -20.60 -31.58 36.71
N ARG D 273 -21.79 -31.24 37.18
CA ARG D 273 -23.02 -31.85 36.69
C ARG D 273 -24.14 -30.84 36.78
N TRP D 274 -25.19 -31.05 36.01
CA TRP D 274 -26.36 -30.17 36.06
C TRP D 274 -27.29 -30.59 37.20
N ILE E 1 -3.48 -23.22 -2.33
CA ILE E 1 -4.68 -23.81 -1.75
C ILE E 1 -5.33 -22.88 -0.75
N GLN E 2 -6.52 -22.40 -1.06
CA GLN E 2 -7.22 -21.51 -0.16
C GLN E 2 -7.86 -22.28 0.99
N LYS E 3 -8.13 -21.58 2.08
CA LYS E 3 -8.74 -22.19 3.26
C LYS E 3 -9.76 -21.23 3.84
N THR E 4 -10.95 -21.76 4.14
CA THR E 4 -12.07 -20.96 4.59
C THR E 4 -11.93 -20.63 6.07
N PRO E 5 -12.07 -19.35 6.42
CA PRO E 5 -11.99 -18.89 7.81
C PRO E 5 -13.06 -19.51 8.68
N GLN E 6 -12.64 -20.05 9.82
CA GLN E 6 -13.58 -20.43 10.87
C GLN E 6 -13.75 -19.24 11.80
N ILE E 7 -15.00 -18.94 12.16
CA ILE E 7 -15.30 -17.75 12.96
C ILE E 7 -16.01 -18.05 14.28
N GLN E 8 -15.50 -17.47 15.36
CA GLN E 8 -16.19 -17.51 16.64
C GLN E 8 -16.43 -16.10 17.14
N VAL E 9 -17.65 -15.86 17.61
CA VAL E 9 -18.03 -14.57 18.22
C VAL E 9 -18.51 -14.80 19.65
N TYR E 10 -17.93 -14.07 20.59
CA TYR E 10 -18.17 -14.30 22.01
C TYR E 10 -17.64 -13.12 22.84
N SER E 11 -18.10 -13.00 24.08
CA SER E 11 -17.66 -11.93 24.96
C SER E 11 -16.47 -12.33 25.81
N ARG E 12 -15.67 -11.35 26.24
CA ARG E 12 -14.52 -11.62 27.08
C ARG E 12 -14.97 -12.12 28.46
N HIS E 13 -15.97 -11.46 29.01
CA HIS E 13 -16.52 -11.83 30.31
C HIS E 13 -17.92 -12.37 30.13
N PRO E 14 -18.37 -13.23 31.05
CA PRO E 14 -19.75 -13.71 30.97
C PRO E 14 -20.68 -12.51 30.89
N PRO E 15 -21.71 -12.59 30.04
CA PRO E 15 -22.54 -11.44 29.67
C PRO E 15 -23.49 -10.99 30.78
N GLU E 16 -23.57 -9.68 31.00
CA GLU E 16 -24.54 -9.12 31.93
C GLU E 16 -25.19 -7.84 31.39
N ASN E 17 -26.45 -7.94 30.96
CA ASN E 17 -27.18 -6.81 30.40
C ASN E 17 -26.94 -5.51 31.17
N GLY E 18 -26.52 -4.46 30.46
CA GLY E 18 -26.27 -3.17 31.06
C GLY E 18 -24.90 -3.08 31.72
N LYS E 19 -24.11 -4.12 31.53
CA LYS E 19 -22.77 -4.18 32.10
C LYS E 19 -21.72 -4.10 31.00
N PRO E 20 -20.69 -3.26 31.20
CA PRO E 20 -19.61 -3.04 30.22
C PRO E 20 -18.89 -4.34 29.93
N ASN E 21 -18.57 -4.60 28.67
CA ASN E 21 -17.88 -5.83 28.30
C ASN E 21 -17.02 -5.66 27.06
N ILE E 22 -16.50 -6.78 26.55
CA ILE E 22 -15.68 -6.78 25.34
C ILE E 22 -16.20 -7.87 24.42
N LEU E 23 -16.44 -7.53 23.16
CA LEU E 23 -16.89 -8.51 22.20
C LEU E 23 -15.74 -8.98 21.33
N ASN E 24 -15.62 -10.29 21.16
CA ASN E 24 -14.55 -10.89 20.38
C ASN E 24 -15.01 -11.55 19.08
N CYS E 25 -14.30 -11.26 17.99
CA CYS E 25 -14.43 -12.04 16.77
C CYS E 25 -13.11 -12.72 16.46
N TYR E 26 -13.02 -14.01 16.77
CA TYR E 26 -11.81 -14.79 16.58
C TYR E 26 -11.93 -15.53 15.26
N VAL E 27 -10.98 -15.33 14.35
CA VAL E 27 -11.06 -15.91 13.02
C VAL E 27 -9.82 -16.72 12.71
N THR E 28 -10.01 -18.02 12.50
CA THR E 28 -8.87 -18.92 12.42
C THR E 28 -8.84 -19.70 11.11
N GLN E 29 -7.72 -20.38 10.91
CA GLN E 29 -7.58 -21.41 9.89
C GLN E 29 -7.81 -20.92 8.46
N PHE E 30 -7.33 -19.73 8.12
CA PHE E 30 -7.52 -19.24 6.76
C PHE E 30 -6.24 -19.08 5.94
N HIS E 31 -6.40 -19.11 4.63
CA HIS E 31 -5.34 -18.75 3.69
C HIS E 31 -6.02 -18.31 2.42
N PRO E 32 -5.50 -17.25 1.77
CA PRO E 32 -4.33 -16.45 2.15
C PRO E 32 -4.63 -15.47 3.29
N PRO E 33 -3.59 -14.76 3.78
CA PRO E 33 -3.71 -13.86 4.93
C PRO E 33 -4.65 -12.67 4.73
N HIS E 34 -4.83 -12.20 3.50
CA HIS E 34 -5.71 -11.06 3.30
C HIS E 34 -7.13 -11.41 3.70
N ILE E 35 -7.70 -10.60 4.58
CA ILE E 35 -9.05 -10.84 5.07
C ILE E 35 -9.67 -9.54 5.49
N GLU E 36 -11.00 -9.46 5.41
CA GLU E 36 -11.70 -8.27 5.86
C GLU E 36 -12.68 -8.65 6.97
N ILE E 37 -12.54 -7.99 8.11
CA ILE E 37 -13.36 -8.31 9.28
C ILE E 37 -14.02 -7.06 9.83
N GLN E 38 -15.36 -7.04 9.86
CA GLN E 38 -16.05 -5.93 10.50
C GLN E 38 -17.10 -6.39 11.52
N MET E 39 -17.20 -5.62 12.61
CA MET E 39 -18.12 -5.95 13.69
C MET E 39 -19.37 -5.07 13.65
N LEU E 40 -20.53 -5.71 13.82
CA LEU E 40 -21.81 -5.05 13.63
C LEU E 40 -22.66 -5.01 14.89
N LYS E 41 -23.14 -3.81 15.24
CA LYS E 41 -24.17 -3.67 16.26
C LYS E 41 -25.49 -3.33 15.58
N ASN E 42 -26.44 -4.26 15.65
CA ASN E 42 -27.73 -4.09 15.00
C ASN E 42 -27.61 -4.12 13.47
N GLY E 43 -26.45 -4.54 12.98
CA GLY E 43 -26.21 -4.57 11.55
C GLY E 43 -25.60 -3.26 11.06
N LYS E 44 -24.92 -2.56 11.97
CA LYS E 44 -24.29 -1.30 11.64
C LYS E 44 -22.84 -1.26 12.11
N LYS E 45 -21.92 -1.11 11.16
CA LYS E 45 -20.50 -1.15 11.46
C LYS E 45 -20.14 -0.33 12.70
N ILE E 46 -19.29 -0.89 13.54
CA ILE E 46 -18.83 -0.20 14.75
C ILE E 46 -17.51 0.49 14.47
N PRO E 47 -17.44 1.79 14.80
CA PRO E 47 -16.30 2.66 14.47
C PRO E 47 -14.94 2.10 14.91
N LYS E 48 -14.74 1.95 16.21
CA LYS E 48 -13.44 1.58 16.75
C LYS E 48 -13.34 0.10 17.12
N VAL E 49 -12.85 -0.69 16.18
CA VAL E 49 -12.57 -2.10 16.42
C VAL E 49 -11.07 -2.34 16.34
N GLU E 50 -10.49 -2.83 17.44
CA GLU E 50 -9.06 -3.13 17.47
C GLU E 50 -8.77 -4.53 16.95
N MET E 51 -7.63 -4.68 16.29
CA MET E 51 -7.27 -5.95 15.67
C MET E 51 -5.90 -6.41 16.13
N SER E 52 -5.81 -7.68 16.52
CA SER E 52 -4.55 -8.26 16.94
C SER E 52 -3.56 -8.30 15.77
N ASP E 53 -2.30 -8.54 16.07
CA ASP E 53 -1.32 -8.82 15.03
C ASP E 53 -1.65 -10.19 14.47
N MET E 54 -1.66 -10.32 13.14
CA MET E 54 -1.97 -11.60 12.54
C MET E 54 -0.80 -12.55 12.66
N SER E 55 -1.07 -13.75 13.16
CA SER E 55 -0.05 -14.78 13.28
C SER E 55 -0.58 -16.06 12.65
N PHE E 56 0.05 -17.19 12.93
CA PHE E 56 -0.38 -18.45 12.33
C PHE E 56 -0.09 -19.66 13.19
N SER E 57 -0.74 -20.77 12.85
CA SER E 57 -0.64 -22.01 13.62
C SER E 57 0.39 -22.96 13.05
N LYS E 58 0.59 -24.09 13.73
CA LYS E 58 1.49 -25.14 13.26
C LYS E 58 1.24 -25.55 11.81
N ASP E 59 -0.01 -25.49 11.38
CA ASP E 59 -0.34 -25.96 10.03
C ASP E 59 -0.17 -24.86 8.98
N TRP E 60 0.45 -23.76 9.40
CA TRP E 60 0.69 -22.57 8.57
C TRP E 60 -0.52 -21.64 8.40
N SER E 61 -1.73 -22.11 8.70
CA SER E 61 -2.93 -21.28 8.48
C SER E 61 -3.00 -20.10 9.43
N PHE E 62 -3.57 -19.00 8.96
CA PHE E 62 -3.59 -17.74 9.71
C PHE E 62 -4.76 -17.59 10.68
N TYR E 63 -4.56 -16.78 11.70
CA TYR E 63 -5.61 -16.47 12.66
C TYR E 63 -5.46 -15.06 13.20
N ILE E 64 -6.57 -14.47 13.62
CA ILE E 64 -6.57 -13.11 14.12
C ILE E 64 -7.79 -12.88 15.01
N LEU E 65 -7.63 -11.99 16.00
CA LEU E 65 -8.67 -11.66 16.95
C LEU E 65 -9.09 -10.21 16.84
N ALA E 66 -10.35 -9.98 16.46
CA ALA E 66 -10.92 -8.64 16.47
C ALA E 66 -11.75 -8.45 17.74
N HIS E 67 -11.72 -7.26 18.30
CA HIS E 67 -12.49 -6.99 19.51
C HIS E 67 -12.88 -5.52 19.62
N THR E 68 -13.90 -5.28 20.42
CA THR E 68 -14.43 -3.95 20.62
C THR E 68 -15.21 -3.91 21.92
N GLU E 69 -15.23 -2.76 22.57
CA GLU E 69 -16.00 -2.59 23.79
C GLU E 69 -17.48 -2.62 23.46
N PHE E 70 -18.27 -3.21 24.34
CA PHE E 70 -19.72 -3.21 24.14
C PHE E 70 -20.48 -3.44 25.44
N THR E 71 -21.76 -3.09 25.42
CA THR E 71 -22.65 -3.30 26.55
C THR E 71 -23.89 -4.05 26.10
N PRO E 72 -23.98 -5.32 26.50
CA PRO E 72 -25.07 -6.22 26.09
C PRO E 72 -26.40 -5.70 26.59
N THR E 73 -27.45 -5.91 25.81
CA THR E 73 -28.78 -5.54 26.23
C THR E 73 -29.74 -6.62 25.78
N GLU E 74 -31.04 -6.37 25.97
CA GLU E 74 -32.04 -7.37 25.64
C GLU E 74 -32.34 -7.33 24.15
N THR E 75 -32.16 -6.16 23.54
CA THR E 75 -32.57 -5.95 22.17
C THR E 75 -31.39 -5.90 21.18
N ASP E 76 -30.31 -5.24 21.60
CA ASP E 76 -29.14 -5.09 20.75
C ASP E 76 -28.67 -6.41 20.17
N THR E 77 -28.56 -6.47 18.85
CA THR E 77 -27.92 -7.60 18.20
C THR E 77 -26.45 -7.27 17.96
N TYR E 78 -25.66 -8.30 17.68
CA TYR E 78 -24.25 -8.13 17.41
C TYR E 78 -23.81 -9.22 16.45
N ALA E 79 -22.98 -8.87 15.49
CA ALA E 79 -22.47 -9.85 14.56
C ALA E 79 -21.04 -9.53 14.12
N CYS E 80 -20.42 -10.48 13.44
CA CYS E 80 -19.11 -10.27 12.87
C CYS E 80 -19.15 -10.75 11.43
N ARG E 81 -18.96 -9.83 10.48
CA ARG E 81 -18.97 -10.18 9.07
C ARG E 81 -17.56 -10.23 8.49
N VAL E 82 -17.25 -11.36 7.85
CA VAL E 82 -15.92 -11.61 7.31
C VAL E 82 -15.94 -11.83 5.80
N LYS E 83 -15.00 -11.19 5.11
CA LYS E 83 -14.82 -11.37 3.67
C LYS E 83 -13.48 -12.03 3.37
N HIS E 84 -13.50 -13.11 2.60
CA HIS E 84 -12.28 -13.81 2.25
C HIS E 84 -12.40 -14.47 0.88
N ASP E 85 -11.29 -14.53 0.16
CA ASP E 85 -11.27 -15.08 -1.19
C ASP E 85 -11.77 -16.50 -1.28
N SER E 86 -11.58 -17.27 -0.22
CA SER E 86 -12.02 -18.66 -0.20
C SER E 86 -13.54 -18.73 -0.25
N MET E 87 -14.19 -17.60 0.01
CA MET E 87 -15.65 -17.58 0.14
C MET E 87 -16.34 -16.77 -0.94
N ALA E 88 -17.25 -17.41 -1.66
CA ALA E 88 -18.08 -16.74 -2.66
C ALA E 88 -18.87 -15.60 -2.03
N GLU E 89 -19.27 -15.79 -0.78
CA GLU E 89 -20.11 -14.81 -0.08
C GLU E 89 -19.46 -14.36 1.23
N PRO E 90 -19.63 -13.08 1.57
CA PRO E 90 -19.21 -12.60 2.89
C PRO E 90 -20.04 -13.29 3.97
N LYS E 91 -19.37 -13.99 4.88
CA LYS E 91 -20.09 -14.71 5.93
C LYS E 91 -20.26 -13.86 7.18
N THR E 92 -21.50 -13.79 7.67
CA THR E 92 -21.79 -13.10 8.91
C THR E 92 -22.15 -14.10 10.00
N VAL E 93 -21.65 -13.87 11.21
CA VAL E 93 -21.93 -14.76 12.32
C VAL E 93 -22.42 -13.96 13.51
N TYR E 94 -23.61 -14.29 14.00
CA TYR E 94 -24.26 -13.51 15.05
C TYR E 94 -23.85 -13.98 16.44
N TRP E 95 -23.53 -13.02 17.31
CA TRP E 95 -23.23 -13.34 18.69
C TRP E 95 -24.42 -13.99 19.38
N ASP E 96 -24.23 -15.23 19.83
CA ASP E 96 -25.22 -15.93 20.62
C ASP E 96 -24.72 -15.97 22.05
N ARG E 97 -25.51 -15.40 22.96
CA ARG E 97 -25.17 -15.30 24.37
C ARG E 97 -24.75 -16.65 24.95
N ASP E 98 -25.31 -17.73 24.42
CA ASP E 98 -25.10 -19.07 24.96
C ASP E 98 -23.88 -19.81 24.41
N MET E 99 -23.01 -19.09 23.69
CA MET E 99 -21.85 -19.73 23.06
C MET E 99 -20.59 -18.87 23.05
N ARG F 1 15.00 -13.31 21.92
CA ARG F 1 15.73 -12.45 21.01
C ARG F 1 15.89 -13.10 19.63
N VAL F 2 15.63 -12.32 18.59
CA VAL F 2 15.60 -12.84 17.22
C VAL F 2 16.96 -13.28 16.69
N GLU F 3 16.92 -14.27 15.79
CA GLU F 3 18.08 -14.72 15.05
C GLU F 3 18.59 -13.62 14.12
N ASP F 4 19.89 -13.51 13.96
CA ASP F 4 20.46 -12.51 13.06
C ASP F 4 20.59 -13.09 11.66
N VAL F 5 20.07 -12.37 10.67
CA VAL F 5 20.05 -12.86 9.29
C VAL F 5 20.81 -11.96 8.33
N THR F 6 21.61 -11.05 8.89
CA THR F 6 22.38 -10.10 8.10
C THR F 6 23.04 -10.74 6.88
N ASN F 7 22.70 -10.24 5.70
CA ASN F 7 23.38 -10.62 4.46
C ASN F 7 23.44 -12.13 4.19
N THR F 8 22.27 -12.72 3.95
CA THR F 8 22.17 -14.15 3.63
C THR F 8 21.05 -14.38 2.61
N ALA F 9 20.69 -13.32 1.91
CA ALA F 9 19.58 -13.35 0.95
C ALA F 9 19.90 -14.17 -0.29
N GLU F 10 21.18 -14.34 -0.58
CA GLU F 10 21.61 -15.10 -1.73
C GLU F 10 21.32 -16.55 -1.56
N TYR F 11 20.89 -16.93 -0.37
CA TYR F 11 20.71 -18.32 -0.06
C TYR F 11 19.38 -18.91 -0.55
N TRP F 12 18.33 -18.13 -0.62
CA TRP F 12 17.09 -18.62 -1.21
C TRP F 12 17.33 -19.20 -2.61
#